data_3I8X
#
_entry.id   3I8X
#
_cell.length_a   74.731
_cell.length_b   56.058
_cell.length_c   90.799
_cell.angle_alpha   90.00
_cell.angle_beta   91.70
_cell.angle_gamma   90.00
#
_symmetry.space_group_name_H-M   'P 1 21 1'
#
loop_
_entity.id
_entity.type
_entity.pdbx_description
1 polymer 'Ferrous iron transport protein B'
2 non-polymer "GUANOSINE-5'-DIPHOSPHATE"
3 water water
#
_entity_poly.entity_id   1
_entity_poly.type   'polypeptide(L)'
_entity_poly.pdbx_seq_one_letter_code
;MKKLTIGLIGNPNSGKTTLFNQLTGSRQRVGNWAGVTVERKEGQFSTTDHQVTLVDLPGTYSLTTISSQTSLDEQIACHY
ILSGDADLLINVVDASNLERNLYLTLQLLELGIPCIVALNMLDIAEKQNIRIEIDALSARLGCPVIPLVSTRGRGIEALK
LAIDRYKANENVELVHYAQPLLNEADSLAKVMPSDIPLKQRRWLGLQMLEGDIYSRAYAGEASQHLDAALARLRNEMDDP
ALHIADARYQCIAAICDVVSNTLTAEPSRFTTAV
;
_entity_poly.pdbx_strand_id   A,B,C
#
loop_
_chem_comp.id
_chem_comp.type
_chem_comp.name
_chem_comp.formula
GDP RNA linking GUANOSINE-5'-DIPHOSPHATE 'C10 H15 N5 O11 P2'
#
# COMPACT_ATOMS: atom_id res chain seq x y z
N MET A 1 11.25 -31.35 -12.37
CA MET A 1 11.02 -29.92 -12.61
C MET A 1 10.69 -29.26 -11.26
N LYS A 2 11.18 -28.03 -11.03
CA LYS A 2 10.77 -27.28 -9.83
C LYS A 2 9.31 -26.81 -10.01
N LYS A 3 8.45 -27.19 -9.05
CA LYS A 3 7.01 -26.89 -9.10
C LYS A 3 6.78 -25.64 -8.29
N LEU A 4 5.63 -25.01 -8.50
CA LEU A 4 5.20 -23.89 -7.63
C LEU A 4 4.48 -24.50 -6.42
N THR A 5 4.93 -24.16 -5.21
CA THR A 5 4.43 -24.82 -4.00
C THR A 5 3.48 -23.89 -3.25
N ILE A 6 2.24 -24.38 -3.09
CA ILE A 6 1.18 -23.67 -2.44
C ILE A 6 0.69 -24.45 -1.21
N GLY A 7 0.58 -23.74 -0.09
CA GLY A 7 0.01 -24.30 1.15
C GLY A 7 -1.48 -23.98 1.13
N LEU A 8 -2.33 -24.96 1.46
CA LEU A 8 -3.77 -24.74 1.58
C LEU A 8 -4.11 -24.75 3.05
N ILE A 9 -4.60 -23.62 3.54
CA ILE A 9 -4.85 -23.43 4.95
C ILE A 9 -6.21 -22.72 5.17
N GLY A 10 -6.88 -23.11 6.24
CA GLY A 10 -8.15 -22.54 6.60
C GLY A 10 -8.64 -23.20 7.87
N ASN A 11 -9.72 -22.65 8.42
CA ASN A 11 -10.34 -23.19 9.60
C ASN A 11 -10.92 -24.60 9.27
N PRO A 12 -11.25 -25.38 10.29
CA PRO A 12 -11.98 -26.63 10.03
C PRO A 12 -13.33 -26.37 9.38
N ASN A 13 -13.74 -27.30 8.52
CA ASN A 13 -15.03 -27.23 7.84
C ASN A 13 -15.29 -25.90 7.09
N SER A 14 -14.28 -25.48 6.34
N SER A 14 -14.26 -25.46 6.35
CA SER A 14 -14.35 -24.26 5.50
CA SER A 14 -14.33 -24.24 5.52
C SER A 14 -14.42 -24.53 4.00
C SER A 14 -14.40 -24.52 3.99
N GLY A 15 -14.29 -25.79 3.61
CA GLY A 15 -14.34 -26.21 2.19
C GLY A 15 -12.97 -26.51 1.62
N LYS A 16 -12.02 -26.72 2.51
CA LYS A 16 -10.62 -26.87 2.18
C LYS A 16 -10.43 -28.18 1.46
N THR A 17 -10.93 -29.27 2.04
CA THR A 17 -10.95 -30.59 1.36
C THR A 17 -11.63 -30.54 0.00
N THR A 18 -12.83 -29.96 -0.04
CA THR A 18 -13.58 -29.84 -1.29
C THR A 18 -12.77 -29.03 -2.30
N LEU A 19 -12.17 -27.91 -1.88
CA LEU A 19 -11.31 -27.10 -2.82
C LEU A 19 -10.10 -27.92 -3.30
N PHE A 20 -9.43 -28.58 -2.37
CA PHE A 20 -8.32 -29.45 -2.68
C PHE A 20 -8.69 -30.53 -3.72
N ASN A 21 -9.82 -31.19 -3.52
CA ASN A 21 -10.24 -32.26 -4.41
C ASN A 21 -10.61 -31.76 -5.80
N GLN A 22 -11.32 -30.61 -5.88
CA GLN A 22 -11.64 -29.99 -7.18
C GLN A 22 -10.40 -29.53 -7.94
N LEU A 23 -9.31 -29.23 -7.23
CA LEU A 23 -8.12 -28.71 -7.86
C LEU A 23 -7.23 -29.84 -8.35
N THR A 24 -7.05 -30.85 -7.52
CA THR A 24 -6.07 -31.91 -7.80
C THR A 24 -6.64 -33.18 -8.43
N GLY A 25 -7.94 -33.44 -8.23
CA GLY A 25 -8.59 -34.62 -8.80
C GLY A 25 -7.97 -35.92 -8.29
N SER A 26 -7.67 -36.81 -9.21
CA SER A 26 -7.01 -38.09 -8.87
C SER A 26 -5.55 -37.88 -8.54
N ARG A 27 -5.01 -36.70 -8.88
CA ARG A 27 -3.56 -36.44 -8.81
C ARG A 27 -3.24 -36.01 -7.41
N GLN A 28 -3.42 -36.92 -6.45
CA GLN A 28 -3.04 -36.64 -5.08
C GLN A 28 -2.36 -37.85 -4.42
N ARG A 29 -1.49 -37.58 -3.46
CA ARG A 29 -0.92 -38.62 -2.61
C ARG A 29 -1.19 -38.33 -1.14
N VAL A 30 -1.23 -39.40 -0.35
CA VAL A 30 -1.44 -39.36 1.09
C VAL A 30 -0.26 -40.03 1.78
N GLY A 31 0.31 -39.36 2.76
CA GLY A 31 1.32 -39.92 3.68
C GLY A 31 1.02 -39.34 5.05
N ASN A 32 2.03 -39.17 5.88
CA ASN A 32 1.86 -38.58 7.21
C ASN A 32 2.90 -37.51 7.45
N TRP A 33 2.57 -36.54 8.28
CA TRP A 33 3.54 -35.52 8.65
C TRP A 33 4.72 -36.15 9.40
N ALA A 34 5.92 -35.67 9.13
CA ALA A 34 7.14 -36.30 9.64
C ALA A 34 7.12 -36.45 11.16
N GLY A 35 7.01 -37.71 11.62
CA GLY A 35 7.17 -38.04 13.05
C GLY A 35 5.87 -38.04 13.88
N VAL A 36 4.73 -38.02 13.20
CA VAL A 36 3.44 -38.05 13.84
C VAL A 36 2.52 -38.82 12.90
N THR A 37 1.36 -39.21 13.40
CA THR A 37 0.43 -40.01 12.59
C THR A 37 -0.61 -39.17 11.85
N VAL A 38 -0.55 -37.85 12.01
CA VAL A 38 -1.46 -36.94 11.30
C VAL A 38 -1.20 -37.08 9.79
N GLU A 39 -2.27 -37.29 9.05
CA GLU A 39 -2.19 -37.43 7.60
C GLU A 39 -1.68 -36.16 6.93
N ARG A 40 -0.64 -36.32 6.10
CA ARG A 40 -0.17 -35.31 5.16
C ARG A 40 -0.60 -35.70 3.77
N LYS A 41 -1.21 -34.74 3.09
CA LYS A 41 -1.96 -34.96 1.89
C LYS A 41 -1.59 -33.87 0.90
N GLU A 42 -1.15 -34.27 -0.30
CA GLU A 42 -0.82 -33.29 -1.29
C GLU A 42 -1.13 -33.78 -2.69
N GLY A 43 -1.25 -32.83 -3.61
CA GLY A 43 -1.59 -33.15 -4.99
C GLY A 43 -1.05 -32.16 -5.99
N GLN A 44 -1.52 -32.27 -7.23
CA GLN A 44 -0.97 -31.57 -8.37
C GLN A 44 -2.07 -31.01 -9.24
N PHE A 45 -1.78 -29.87 -9.85
CA PHE A 45 -2.61 -29.29 -10.89
C PHE A 45 -1.84 -28.21 -11.67
N SER A 46 -2.39 -27.80 -12.79
CA SER A 46 -1.76 -26.80 -13.65
CA SER A 46 -1.76 -26.80 -13.65
C SER A 46 -2.65 -25.58 -13.78
N THR A 47 -2.01 -24.45 -14.03
CA THR A 47 -2.70 -23.23 -14.40
C THR A 47 -2.19 -22.95 -15.80
N THR A 48 -2.41 -21.76 -16.31
CA THR A 48 -1.94 -21.42 -17.64
C THR A 48 -0.40 -21.51 -17.67
N ASP A 49 0.26 -20.90 -16.68
CA ASP A 49 1.70 -20.80 -16.66
C ASP A 49 2.45 -21.77 -15.74
N HIS A 50 1.76 -22.36 -14.77
CA HIS A 50 2.44 -23.01 -13.67
C HIS A 50 2.02 -24.43 -13.41
N GLN A 51 2.98 -25.23 -12.99
CA GLN A 51 2.75 -26.55 -12.46
C GLN A 51 2.86 -26.43 -10.97
N VAL A 52 1.80 -26.83 -10.29
CA VAL A 52 1.63 -26.55 -8.86
C VAL A 52 1.62 -27.82 -8.07
N THR A 53 2.31 -27.79 -6.93
CA THR A 53 2.14 -28.76 -5.82
C THR A 53 1.32 -28.10 -4.73
N LEU A 54 0.15 -28.67 -4.44
CA LEU A 54 -0.78 -28.17 -3.43
C LEU A 54 -0.59 -29.03 -2.20
N VAL A 55 -0.13 -28.44 -1.09
CA VAL A 55 -0.03 -29.14 0.19
C VAL A 55 -1.22 -28.76 1.08
N ASP A 56 -2.11 -29.73 1.33
CA ASP A 56 -3.21 -29.55 2.29
C ASP A 56 -2.66 -29.53 3.71
N LEU A 57 -3.00 -28.50 4.47
CA LEU A 57 -2.57 -28.40 5.84
C LEU A 57 -3.75 -28.66 6.76
N PRO A 58 -3.49 -29.16 7.97
CA PRO A 58 -4.64 -29.45 8.85
C PRO A 58 -5.41 -28.14 9.24
N GLY A 59 -6.72 -28.28 9.38
CA GLY A 59 -7.59 -27.18 9.73
C GLY A 59 -7.23 -26.59 11.07
N THR A 60 -7.23 -25.26 11.13
CA THR A 60 -6.85 -24.58 12.35
C THR A 60 -7.51 -23.19 12.43
N TYR A 61 -7.86 -22.82 13.66
CA TYR A 61 -8.38 -21.50 13.96
C TYR A 61 -7.26 -20.44 13.95
N SER A 62 -6.04 -20.88 14.25
CA SER A 62 -4.89 -19.99 14.38
C SER A 62 -3.60 -20.75 14.29
N LEU A 63 -2.52 -19.99 14.20
CA LEU A 63 -1.16 -20.48 14.28
C LEU A 63 -0.53 -20.26 15.66
N THR A 64 -1.32 -20.17 16.72
CA THR A 64 -0.78 -19.80 18.04
C THR A 64 -0.80 -20.99 18.99
N THR A 65 0.35 -21.21 19.63
CA THR A 65 0.60 -22.33 20.53
C THR A 65 0.92 -21.83 21.97
N GLN A 69 -3.46 -26.41 25.72
CA GLN A 69 -3.21 -27.80 25.25
C GLN A 69 -3.44 -27.87 23.72
N THR A 70 -2.57 -27.10 23.07
CA THR A 70 -2.71 -26.74 21.67
C THR A 70 -2.58 -27.94 20.76
N SER A 71 -3.62 -28.21 19.98
CA SER A 71 -3.61 -29.33 19.03
C SER A 71 -2.37 -29.39 18.13
N LEU A 72 -2.10 -30.62 17.71
CA LEU A 72 -1.08 -30.94 16.72
C LEU A 72 -1.30 -30.20 15.42
N ASP A 73 -2.53 -30.27 14.90
CA ASP A 73 -2.97 -29.63 13.64
C ASP A 73 -2.42 -28.21 13.52
N GLU A 74 -2.62 -27.46 14.58
CA GLU A 74 -2.17 -26.10 14.72
C GLU A 74 -0.63 -25.95 14.69
N GLN A 75 0.08 -26.74 15.48
CA GLN A 75 1.57 -26.73 15.42
C GLN A 75 2.09 -27.22 14.05
N ILE A 76 1.44 -28.24 13.49
CA ILE A 76 1.76 -28.75 12.15
C ILE A 76 1.59 -27.66 11.10
N ALA A 77 0.49 -26.94 11.17
CA ALA A 77 0.18 -25.92 10.18
C ALA A 77 1.18 -24.78 10.30
N CYS A 78 1.45 -24.37 11.53
CA CYS A 78 2.35 -23.26 11.80
C CYS A 78 3.79 -23.55 11.44
N HIS A 79 4.25 -24.72 11.85
CA HIS A 79 5.57 -25.20 11.47
C HIS A 79 5.77 -25.22 9.92
N TYR A 80 4.79 -25.74 9.18
CA TYR A 80 4.85 -25.65 7.72
C TYR A 80 4.95 -24.21 7.17
N ILE A 81 4.07 -23.31 7.61
CA ILE A 81 4.06 -21.91 7.13
C ILE A 81 5.41 -21.29 7.38
N LEU A 82 5.96 -21.56 8.56
CA LEU A 82 7.26 -21.00 9.01
C LEU A 82 8.50 -21.64 8.33
N SER A 83 8.32 -22.78 7.64
CA SER A 83 9.44 -23.46 7.00
C SER A 83 10.02 -22.74 5.75
N GLY A 84 9.19 -21.98 5.06
CA GLY A 84 9.59 -21.35 3.81
C GLY A 84 9.49 -22.25 2.57
N ASP A 85 8.90 -23.43 2.72
CA ASP A 85 8.72 -24.34 1.60
C ASP A 85 7.71 -23.86 0.56
N ALA A 86 6.62 -23.27 1.02
CA ALA A 86 5.57 -22.75 0.14
C ALA A 86 6.00 -21.40 -0.44
N ASP A 87 5.71 -21.22 -1.74
CA ASP A 87 5.93 -19.95 -2.42
C ASP A 87 4.74 -19.01 -2.18
N LEU A 88 3.59 -19.60 -1.90
CA LEU A 88 2.39 -18.89 -1.48
C LEU A 88 1.35 -19.79 -0.82
N LEU A 89 0.35 -19.14 -0.24
CA LEU A 89 -0.71 -19.82 0.49
C LEU A 89 -2.04 -19.47 -0.14
N ILE A 90 -2.95 -20.44 -0.10
CA ILE A 90 -4.34 -20.19 -0.35
C ILE A 90 -5.09 -20.41 0.95
N ASN A 91 -5.64 -19.30 1.46
CA ASN A 91 -6.37 -19.22 2.69
C ASN A 91 -7.84 -19.35 2.35
N VAL A 92 -8.41 -20.51 2.67
CA VAL A 92 -9.82 -20.79 2.42
C VAL A 92 -10.60 -20.24 3.61
N VAL A 93 -11.44 -19.26 3.31
CA VAL A 93 -12.16 -18.49 4.33
C VAL A 93 -13.63 -18.76 4.14
N ASP A 94 -14.34 -19.03 5.23
CA ASP A 94 -15.76 -19.31 5.17
C ASP A 94 -16.43 -17.96 5.29
N ALA A 95 -17.08 -17.51 4.22
CA ALA A 95 -17.76 -16.20 4.19
C ALA A 95 -18.94 -16.08 5.17
N SER A 96 -19.46 -17.21 5.64
CA SER A 96 -20.58 -17.24 6.56
C SER A 96 -20.17 -17.03 8.02
N ASN A 97 -18.88 -17.11 8.28
CA ASN A 97 -18.29 -16.89 9.57
C ASN A 97 -17.02 -16.11 9.37
N LEU A 98 -17.16 -14.92 8.81
CA LEU A 98 -16.01 -14.17 8.31
C LEU A 98 -15.08 -13.75 9.44
N GLU A 99 -15.66 -13.20 10.50
CA GLU A 99 -14.87 -12.59 11.57
C GLU A 99 -14.03 -13.59 12.34
N ARG A 100 -14.64 -14.72 12.66
CA ARG A 100 -13.92 -15.87 13.21
C ARG A 100 -12.80 -16.37 12.27
N ASN A 101 -13.07 -16.45 10.97
CA ASN A 101 -12.11 -17.01 10.00
C ASN A 101 -10.90 -16.09 9.72
N LEU A 102 -11.13 -14.79 9.86
CA LEU A 102 -10.07 -13.79 9.67
C LEU A 102 -9.00 -13.72 10.75
N TYR A 103 -9.21 -14.38 11.91
CA TYR A 103 -8.11 -14.47 12.89
C TYR A 103 -6.88 -15.13 12.30
N LEU A 104 -7.09 -16.27 11.65
CA LEU A 104 -6.01 -16.98 10.95
C LEU A 104 -5.44 -16.17 9.81
N THR A 105 -6.29 -15.56 9.00
CA THR A 105 -5.85 -14.73 7.87
C THR A 105 -4.85 -13.64 8.30
N LEU A 106 -5.17 -12.93 9.37
CA LEU A 106 -4.32 -11.85 9.88
C LEU A 106 -2.98 -12.36 10.30
N GLN A 107 -2.96 -13.56 10.92
CA GLN A 107 -1.73 -14.21 11.36
CA GLN A 107 -1.72 -14.19 11.35
C GLN A 107 -0.81 -14.46 10.18
N LEU A 108 -1.36 -14.96 9.08
CA LEU A 108 -0.63 -15.22 7.85
C LEU A 108 -0.12 -13.96 7.17
N LEU A 109 -0.97 -12.94 7.16
CA LEU A 109 -0.63 -11.63 6.60
C LEU A 109 0.45 -10.93 7.43
N GLU A 110 0.44 -11.07 8.74
CA GLU A 110 1.51 -10.48 9.55
C GLU A 110 2.88 -11.17 9.36
N LEU A 111 2.86 -12.44 9.01
CA LEU A 111 4.08 -13.17 8.67
C LEU A 111 4.65 -12.82 7.29
N GLY A 112 3.84 -12.17 6.46
CA GLY A 112 4.28 -11.70 5.17
C GLY A 112 4.36 -12.73 4.08
N ILE A 113 3.65 -13.85 4.21
CA ILE A 113 3.76 -14.89 3.16
C ILE A 113 2.82 -14.47 2.07
N PRO A 114 3.26 -14.51 0.80
CA PRO A 114 2.30 -14.23 -0.27
C PRO A 114 1.03 -15.08 -0.12
N CYS A 115 -0.13 -14.41 -0.22
CA CYS A 115 -1.40 -14.99 0.12
CA CYS A 115 -1.42 -14.98 0.13
C CYS A 115 -2.48 -14.66 -0.90
N ILE A 116 -3.33 -15.64 -1.18
CA ILE A 116 -4.58 -15.47 -1.87
C ILE A 116 -5.68 -16.05 -0.98
N VAL A 117 -6.67 -15.20 -0.68
CA VAL A 117 -7.84 -15.62 0.06
C VAL A 117 -8.85 -16.23 -0.90
N ALA A 118 -9.18 -17.51 -0.70
CA ALA A 118 -10.34 -18.12 -1.35
C ALA A 118 -11.57 -17.98 -0.45
N LEU A 119 -12.46 -17.05 -0.84
CA LEU A 119 -13.66 -16.74 -0.03
C LEU A 119 -14.77 -17.73 -0.38
N ASN A 120 -14.95 -18.70 0.49
CA ASN A 120 -15.81 -19.83 0.26
C ASN A 120 -17.17 -19.72 0.98
N MET A 121 -18.09 -20.64 0.67
CA MET A 121 -19.40 -20.76 1.33
C MET A 121 -20.22 -19.49 1.16
N LEU A 122 -20.22 -19.02 -0.08
CA LEU A 122 -20.81 -17.74 -0.46
C LEU A 122 -22.33 -17.81 -0.54
N ASP A 123 -22.83 -18.91 -1.09
CA ASP A 123 -24.26 -19.25 -1.06
C ASP A 123 -24.82 -19.35 0.38
N ILE A 124 -24.04 -19.98 1.26
CA ILE A 124 -24.38 -19.99 2.69
C ILE A 124 -24.44 -18.58 3.28
N ALA A 125 -23.45 -17.73 2.98
CA ALA A 125 -23.48 -16.32 3.38
C ALA A 125 -24.75 -15.64 2.82
N GLU A 126 -25.03 -15.90 1.55
CA GLU A 126 -26.14 -15.26 0.86
C GLU A 126 -27.43 -15.51 1.62
N LYS A 127 -27.75 -16.78 1.81
CA LYS A 127 -29.02 -17.11 2.44
C LYS A 127 -29.03 -17.00 3.97
N GLN A 128 -27.96 -16.44 4.54
CA GLN A 128 -27.97 -15.87 5.90
C GLN A 128 -28.10 -14.33 5.86
N ASN A 129 -28.59 -13.80 4.74
CA ASN A 129 -28.67 -12.36 4.47
C ASN A 129 -27.38 -11.56 4.68
N ILE A 130 -26.25 -12.14 4.32
CA ILE A 130 -24.99 -11.41 4.38
C ILE A 130 -24.31 -11.38 2.99
N ARG A 131 -23.84 -10.21 2.59
CA ARG A 131 -22.94 -10.13 1.45
C ARG A 131 -21.64 -9.42 1.84
N ILE A 132 -20.58 -9.73 1.11
CA ILE A 132 -19.26 -9.19 1.40
C ILE A 132 -18.88 -8.22 0.28
N GLU A 133 -18.39 -7.05 0.66
CA GLU A 133 -17.70 -6.15 -0.26
C GLU A 133 -16.28 -6.71 -0.56
N ILE A 134 -16.13 -7.45 -1.66
CA ILE A 134 -14.92 -8.22 -1.91
C ILE A 134 -13.63 -7.37 -2.11
N ASP A 135 -13.69 -6.31 -2.91
CA ASP A 135 -12.53 -5.42 -3.14
C ASP A 135 -12.16 -4.61 -1.91
N ALA A 136 -13.19 -4.23 -1.15
CA ALA A 136 -12.99 -3.53 0.10
C ALA A 136 -12.16 -4.37 1.10
N LEU A 137 -12.49 -5.66 1.18
CA LEU A 137 -11.75 -6.63 2.03
C LEU A 137 -10.32 -6.82 1.48
N SER A 138 -10.19 -6.96 0.18
CA SER A 138 -8.88 -7.08 -0.47
C SER A 138 -7.95 -5.86 -0.22
N ALA A 139 -8.52 -4.68 -0.35
CA ALA A 139 -7.86 -3.42 -0.01
C ALA A 139 -7.33 -3.43 1.41
N ARG A 140 -8.10 -3.94 2.37
CA ARG A 140 -7.66 -3.92 3.79
C ARG A 140 -6.69 -5.04 4.17
N LEU A 141 -6.79 -6.17 3.48
CA LEU A 141 -5.96 -7.33 3.74
C LEU A 141 -4.62 -7.21 3.01
N GLY A 142 -4.61 -6.49 1.90
CA GLY A 142 -3.42 -6.26 1.10
C GLY A 142 -3.12 -7.46 0.27
N CYS A 143 -4.14 -8.28 0.03
CA CYS A 143 -3.93 -9.46 -0.80
C CYS A 143 -5.19 -9.71 -1.57
N PRO A 144 -5.12 -10.50 -2.65
CA PRO A 144 -6.29 -10.86 -3.43
C PRO A 144 -7.36 -11.62 -2.64
N VAL A 145 -8.62 -11.34 -2.94
CA VAL A 145 -9.75 -12.05 -2.37
C VAL A 145 -10.56 -12.59 -3.55
N ILE A 146 -10.60 -13.91 -3.69
CA ILE A 146 -11.27 -14.57 -4.81
C ILE A 146 -12.53 -15.30 -4.31
N PRO A 147 -13.73 -14.87 -4.77
CA PRO A 147 -14.98 -15.57 -4.40
C PRO A 147 -15.16 -16.96 -5.06
N LEU A 148 -15.51 -17.96 -4.24
CA LEU A 148 -15.69 -19.35 -4.64
C LEU A 148 -16.99 -19.96 -4.06
N VAL A 149 -17.73 -20.69 -4.86
CA VAL A 149 -18.61 -21.76 -4.33
C VAL A 149 -18.02 -23.11 -4.77
N SER A 150 -17.15 -23.71 -3.93
CA SER A 150 -16.17 -24.72 -4.41
C SER A 150 -16.77 -26.10 -4.68
N THR A 151 -17.96 -26.36 -4.12
CA THR A 151 -18.71 -27.61 -4.41
C THR A 151 -19.24 -27.62 -5.86
N ARG A 152 -19.63 -26.44 -6.36
CA ARG A 152 -19.97 -26.29 -7.77
C ARG A 152 -18.75 -26.00 -8.69
N GLY A 153 -17.63 -25.60 -8.11
CA GLY A 153 -16.41 -25.30 -8.89
C GLY A 153 -16.38 -23.84 -9.34
N ARG A 154 -17.09 -22.97 -8.60
CA ARG A 154 -17.35 -21.59 -9.02
C ARG A 154 -16.18 -20.73 -8.53
N GLY A 155 -15.49 -20.04 -9.46
CA GLY A 155 -14.32 -19.27 -9.09
C GLY A 155 -12.97 -19.99 -9.14
N ILE A 156 -12.99 -21.27 -9.44
CA ILE A 156 -11.77 -22.05 -9.63
C ILE A 156 -10.88 -21.53 -10.76
N GLU A 157 -11.48 -21.15 -11.88
CA GLU A 157 -10.75 -20.47 -12.92
C GLU A 157 -10.17 -19.13 -12.48
N ALA A 158 -10.96 -18.37 -11.74
CA ALA A 158 -10.51 -17.09 -11.19
C ALA A 158 -9.41 -17.27 -10.13
N LEU A 159 -9.47 -18.35 -9.36
CA LEU A 159 -8.42 -18.69 -8.43
C LEU A 159 -7.07 -19.04 -9.15
N LYS A 160 -7.18 -19.82 -10.24
CA LYS A 160 -6.03 -20.19 -11.08
C LYS A 160 -5.41 -18.95 -11.76
N LEU A 161 -6.25 -18.06 -12.29
CA LEU A 161 -5.81 -16.77 -12.79
C LEU A 161 -5.02 -15.96 -11.72
N ALA A 162 -5.52 -15.97 -10.46
CA ALA A 162 -4.83 -15.25 -9.38
C ALA A 162 -3.51 -15.89 -8.95
N ILE A 163 -3.40 -17.20 -9.08
CA ILE A 163 -2.15 -17.90 -8.81
C ILE A 163 -1.06 -17.42 -9.81
N ASP A 164 -1.41 -17.39 -11.07
CA ASP A 164 -0.57 -16.86 -12.15
C ASP A 164 -0.21 -15.38 -12.01
N ARG A 165 -0.93 -14.65 -11.18
CA ARG A 165 -0.56 -13.26 -10.87
C ARG A 165 0.03 -13.08 -9.49
N TYR A 166 0.41 -14.15 -8.81
CA TYR A 166 0.80 -14.03 -7.39
C TYR A 166 1.97 -13.07 -7.23
N LYS A 167 1.93 -12.32 -6.15
CA LYS A 167 3.01 -11.42 -5.85
C LYS A 167 2.97 -11.12 -4.37
N ALA A 168 3.91 -10.29 -3.93
CA ALA A 168 4.02 -9.94 -2.56
C ALA A 168 2.73 -9.24 -2.18
N ASN A 169 2.22 -9.53 -0.98
CA ASN A 169 1.10 -8.79 -0.45
C ASN A 169 1.49 -7.30 -0.34
N GLU A 170 0.48 -6.45 -0.43
CA GLU A 170 0.67 -5.04 -0.16
C GLU A 170 0.97 -4.93 1.33
N ASN A 171 2.14 -4.40 1.65
CA ASN A 171 2.57 -4.25 3.03
C ASN A 171 1.81 -3.05 3.61
N VAL A 172 0.50 -3.24 3.80
CA VAL A 172 -0.41 -2.35 4.50
C VAL A 172 -0.39 -2.52 6.04
N GLU A 173 -0.82 -1.53 6.78
CA GLU A 173 -0.87 -1.71 8.19
C GLU A 173 -2.14 -2.43 8.53
N LEU A 174 -2.04 -3.39 9.40
CA LEU A 174 -3.22 -4.12 9.77
C LEU A 174 -3.61 -3.91 11.19
N VAL A 175 -2.98 -4.65 12.07
CA VAL A 175 -3.24 -4.57 13.47
C VAL A 175 -2.43 -3.42 14.00
N HIS A 176 -3.04 -2.62 14.83
CA HIS A 176 -2.37 -1.47 15.40
C HIS A 176 -2.04 -1.73 16.86
N TYR A 177 -0.83 -2.23 17.13
CA TYR A 177 -0.40 -2.55 18.49
C TYR A 177 0.09 -1.29 19.16
N ALA A 178 -0.12 -1.22 20.49
CA ALA A 178 0.47 -0.17 21.31
C ALA A 178 1.94 -0.17 21.00
N GLN A 179 2.56 1.01 20.99
CA GLN A 179 3.95 1.13 20.55
C GLN A 179 4.95 0.32 21.42
N PRO A 180 4.77 0.32 22.76
CA PRO A 180 5.68 -0.46 23.61
C PRO A 180 5.73 -1.94 23.26
N LEU A 181 4.59 -2.54 22.94
CA LEU A 181 4.56 -3.93 22.49
C LEU A 181 5.39 -4.13 21.23
N LEU A 182 5.30 -3.18 20.30
CA LEU A 182 6.12 -3.17 19.09
C LEU A 182 7.61 -2.97 19.35
N ASN A 183 7.92 -2.13 20.33
CA ASN A 183 9.29 -1.86 20.69
C ASN A 183 9.94 -3.10 21.30
N GLU A 184 9.22 -3.79 22.16
CA GLU A 184 9.72 -5.05 22.73
C GLU A 184 9.80 -6.20 21.72
N ALA A 185 8.80 -6.30 20.86
CA ALA A 185 8.82 -7.28 19.80
C ALA A 185 10.06 -7.07 18.93
N ASP A 186 10.43 -5.80 18.70
CA ASP A 186 11.58 -5.48 17.84
C ASP A 186 12.90 -5.80 18.53
N SER A 187 13.03 -5.47 19.80
CA SER A 187 14.22 -5.81 20.55
C SER A 187 14.46 -7.29 20.53
N LEU A 188 13.40 -8.07 20.67
CA LEU A 188 13.50 -9.52 20.61
C LEU A 188 13.91 -9.95 19.21
N ALA A 189 13.24 -9.40 18.19
CA ALA A 189 13.54 -9.64 16.78
C ALA A 189 15.04 -9.52 16.48
N LYS A 190 15.62 -8.41 16.94
CA LYS A 190 17.04 -8.08 16.69
C LYS A 190 18.03 -9.19 17.06
N VAL A 191 17.77 -9.95 18.12
CA VAL A 191 18.68 -11.03 18.56
C VAL A 191 18.27 -12.46 18.14
N MET A 192 17.20 -12.61 17.37
CA MET A 192 16.79 -13.91 16.85
C MET A 192 17.69 -14.25 15.66
N PRO A 193 17.80 -15.55 15.30
CA PRO A 193 18.63 -15.93 14.16
C PRO A 193 18.50 -15.05 12.90
N SER A 194 19.65 -14.64 12.37
CA SER A 194 19.74 -13.65 11.28
C SER A 194 19.05 -14.06 9.98
N ASP A 195 18.92 -15.36 9.76
CA ASP A 195 18.39 -15.84 8.47
C ASP A 195 16.85 -15.83 8.37
N ILE A 196 16.17 -15.73 9.51
CA ILE A 196 14.72 -15.59 9.57
C ILE A 196 14.39 -14.18 9.09
N PRO A 197 13.49 -14.05 8.09
CA PRO A 197 13.06 -12.71 7.63
C PRO A 197 12.61 -11.81 8.78
N LEU A 198 12.76 -10.51 8.57
CA LEU A 198 12.52 -9.56 9.61
C LEU A 198 11.07 -9.61 10.10
N LYS A 199 10.12 -9.57 9.15
CA LYS A 199 8.68 -9.65 9.46
C LYS A 199 8.36 -10.87 10.33
N GLN A 200 9.01 -11.99 10.00
CA GLN A 200 8.84 -13.22 10.75
C GLN A 200 9.42 -13.16 12.17
N ARG A 201 10.56 -12.51 12.34
CA ARG A 201 11.17 -12.33 13.66
C ARG A 201 10.30 -11.39 14.53
N ARG A 202 9.80 -10.33 13.92
CA ARG A 202 8.90 -9.44 14.58
C ARG A 202 7.61 -10.13 14.97
N TRP A 203 7.07 -11.00 14.10
CA TRP A 203 5.89 -11.80 14.45
C TRP A 203 6.18 -12.76 15.60
N LEU A 204 7.31 -13.46 15.54
CA LEU A 204 7.68 -14.39 16.59
C LEU A 204 7.79 -13.70 17.95
N GLY A 205 8.38 -12.50 17.94
CA GLY A 205 8.49 -11.65 19.12
C GLY A 205 7.15 -11.32 19.78
N LEU A 206 6.17 -10.91 18.97
CA LEU A 206 4.81 -10.62 19.48
C LEU A 206 4.14 -11.86 20.05
N GLN A 207 4.38 -13.00 19.41
CA GLN A 207 3.88 -14.28 19.87
C GLN A 207 4.51 -14.70 21.18
N MET A 208 5.79 -14.45 21.37
CA MET A 208 6.42 -14.74 22.67
C MET A 208 5.83 -13.89 23.78
N LEU A 209 5.68 -12.60 23.51
CA LEU A 209 5.08 -11.68 24.47
C LEU A 209 3.64 -12.09 24.82
N GLU A 210 2.93 -12.60 23.84
CA GLU A 210 1.59 -13.14 24.06
C GLU A 210 1.53 -14.46 24.89
N GLY A 211 2.66 -15.13 25.12
CA GLY A 211 2.70 -16.38 25.89
C GLY A 211 2.76 -17.66 25.05
N ASP A 212 3.02 -17.51 23.75
CA ASP A 212 3.17 -18.64 22.86
C ASP A 212 4.52 -19.35 23.15
N ILE A 213 4.47 -20.63 23.54
CA ILE A 213 5.68 -21.33 23.92
C ILE A 213 6.40 -21.88 22.71
N TYR A 214 5.67 -22.36 21.70
CA TYR A 214 6.32 -22.93 20.50
C TYR A 214 7.22 -21.93 19.79
N SER A 215 6.74 -20.69 19.68
CA SER A 215 7.46 -19.58 19.05
CA SER A 215 7.48 -19.60 19.03
C SER A 215 8.85 -19.33 19.66
N ARG A 216 9.00 -19.65 20.94
CA ARG A 216 10.30 -19.45 21.63
C ARG A 216 11.42 -20.29 21.07
N ALA A 217 11.04 -21.41 20.45
CA ALA A 217 11.97 -22.38 19.84
C ALA A 217 12.56 -21.87 18.53
N TYR A 218 11.84 -21.00 17.82
CA TYR A 218 12.39 -20.34 16.61
C TYR A 218 13.28 -19.13 16.97
N ALA A 219 13.11 -18.58 18.17
CA ALA A 219 13.66 -17.24 18.54
C ALA A 219 15.11 -17.23 18.98
N GLY A 220 15.74 -18.39 19.01
CA GLY A 220 17.13 -18.51 19.48
C GLY A 220 17.35 -17.87 20.84
N GLU A 221 18.27 -16.91 20.90
CA GLU A 221 18.63 -16.28 22.16
C GLU A 221 17.69 -15.12 22.57
N ALA A 222 16.68 -14.82 21.76
CA ALA A 222 15.60 -13.90 22.18
C ALA A 222 14.90 -14.42 23.43
N SER A 223 14.83 -15.75 23.53
CA SER A 223 14.21 -16.47 24.62
C SER A 223 14.73 -16.05 26.02
N GLN A 224 16.00 -15.69 26.10
CA GLN A 224 16.60 -15.31 27.39
C GLN A 224 16.22 -13.91 27.79
N HIS A 225 15.72 -13.11 26.84
CA HIS A 225 15.43 -11.69 27.07
C HIS A 225 13.96 -11.44 27.37
N LEU A 226 13.16 -12.50 27.32
CA LEU A 226 11.68 -12.39 27.32
C LEU A 226 11.06 -11.99 28.67
N ASP A 227 11.57 -12.56 29.74
CA ASP A 227 11.12 -12.19 31.10
C ASP A 227 11.26 -10.71 31.45
N ALA A 228 12.38 -10.12 31.04
CA ALA A 228 12.69 -8.72 31.24
C ALA A 228 11.82 -7.81 30.35
N ALA A 229 11.46 -8.31 29.19
CA ALA A 229 10.61 -7.58 28.24
C ALA A 229 9.21 -7.54 28.82
N LEU A 230 8.81 -8.67 29.41
CA LEU A 230 7.52 -8.76 30.06
C LEU A 230 7.46 -7.97 31.37
N ALA A 231 8.59 -7.81 32.04
CA ALA A 231 8.65 -7.04 33.30
C ALA A 231 8.31 -5.57 33.01
N ARG A 232 8.98 -5.02 32.00
CA ARG A 232 8.70 -3.64 31.54
C ARG A 232 7.22 -3.41 31.13
N LEU A 233 6.69 -4.26 30.27
CA LEU A 233 5.30 -4.12 29.81
C LEU A 233 4.25 -4.20 30.92
N ARG A 234 4.47 -5.05 31.92
CA ARG A 234 3.54 -5.15 33.06
C ARG A 234 3.50 -3.86 33.87
N ASN A 235 4.63 -3.17 33.91
CA ASN A 235 4.72 -1.84 34.52
C ASN A 235 4.01 -0.76 33.69
N GLU A 236 3.95 -0.91 32.38
CA GLU A 236 3.30 0.07 31.48
C GLU A 236 1.80 -0.15 31.24
N MET A 237 1.30 -1.36 31.44
CA MET A 237 -0.11 -1.68 31.09
C MET A 237 -0.65 -2.92 31.80
N ASP A 238 -1.98 -3.02 31.92
CA ASP A 238 -2.65 -4.23 32.45
C ASP A 238 -2.70 -5.29 31.35
N ASP A 239 -2.14 -6.47 31.62
CA ASP A 239 -2.22 -7.65 30.74
C ASP A 239 -1.71 -7.41 29.29
N PRO A 240 -0.39 -7.18 29.12
CA PRO A 240 0.14 -6.97 27.76
C PRO A 240 -0.27 -8.02 26.72
N ALA A 241 -0.41 -9.28 27.16
CA ALA A 241 -0.83 -10.41 26.31
C ALA A 241 -2.27 -10.26 25.85
N LEU A 242 -3.13 -9.81 26.75
CA LEU A 242 -4.52 -9.48 26.41
C LEU A 242 -4.53 -8.31 25.44
N HIS A 243 -3.64 -7.33 25.59
CA HIS A 243 -3.59 -6.21 24.66
C HIS A 243 -3.21 -6.63 23.22
N ILE A 244 -2.24 -7.53 23.09
CA ILE A 244 -1.92 -8.14 21.81
C ILE A 244 -3.20 -8.72 21.17
N ALA A 245 -3.89 -9.56 21.94
CA ALA A 245 -5.12 -10.22 21.51
C ALA A 245 -6.24 -9.23 21.13
N ASP A 246 -6.48 -8.21 21.95
CA ASP A 246 -7.58 -7.25 21.65
C ASP A 246 -7.27 -6.43 20.43
N ALA A 247 -5.99 -6.12 20.24
CA ALA A 247 -5.55 -5.37 19.06
C ALA A 247 -5.94 -6.12 17.79
N ARG A 248 -5.70 -7.42 17.78
CA ARG A 248 -6.11 -8.28 16.64
C ARG A 248 -7.59 -8.30 16.41
N TYR A 249 -8.36 -8.60 17.46
CA TYR A 249 -9.82 -8.61 17.39
C TYR A 249 -10.47 -7.22 17.05
N GLN A 250 -9.88 -6.12 17.51
CA GLN A 250 -10.34 -4.76 17.10
C GLN A 250 -10.14 -4.58 15.58
N CYS A 251 -8.99 -5.04 15.13
CA CYS A 251 -8.67 -4.94 13.74
C CYS A 251 -9.72 -5.68 12.90
N ILE A 252 -9.98 -6.94 13.25
CA ILE A 252 -10.90 -7.76 12.48
C ILE A 252 -12.29 -7.18 12.47
N ALA A 253 -12.75 -6.70 13.63
CA ALA A 253 -14.12 -6.21 13.82
C ALA A 253 -14.42 -4.96 13.00
N ALA A 254 -13.45 -4.04 13.01
CA ALA A 254 -13.44 -2.84 12.16
C ALA A 254 -13.46 -3.16 10.66
N ILE A 255 -12.66 -4.13 10.23
CA ILE A 255 -12.74 -4.62 8.84
C ILE A 255 -14.17 -5.12 8.54
N CYS A 256 -14.72 -5.91 9.46
CA CYS A 256 -15.97 -6.59 9.22
C CYS A 256 -17.18 -5.65 9.16
N ASP A 257 -17.18 -4.65 10.04
CA ASP A 257 -18.13 -3.54 10.01
C ASP A 257 -18.35 -2.97 8.58
N VAL A 258 -17.25 -2.69 7.87
CA VAL A 258 -17.27 -2.13 6.51
C VAL A 258 -17.58 -3.14 5.40
N VAL A 259 -17.01 -4.33 5.54
CA VAL A 259 -16.95 -5.28 4.46
C VAL A 259 -18.20 -6.16 4.38
N SER A 260 -18.78 -6.47 5.54
CA SER A 260 -19.88 -7.40 5.61
C SER A 260 -21.19 -6.67 5.95
N ASN A 261 -22.30 -7.22 5.44
CA ASN A 261 -23.65 -6.67 5.63
C ASN A 261 -24.73 -7.74 5.45
N MET B 1 31.34 -11.18 2.75
CA MET B 1 32.04 -12.40 3.20
C MET B 1 32.85 -12.93 2.01
N LYS B 2 33.46 -14.11 2.16
CA LYS B 2 34.06 -14.81 1.01
C LYS B 2 32.98 -15.10 -0.05
N LYS B 3 31.83 -15.52 0.41
CA LYS B 3 30.75 -16.00 -0.45
C LYS B 3 30.00 -14.80 -1.04
N LEU B 4 29.83 -14.78 -2.37
CA LEU B 4 29.12 -13.69 -3.06
C LEU B 4 28.10 -14.27 -4.03
N THR B 5 26.94 -13.60 -4.14
CA THR B 5 25.90 -13.95 -5.12
C THR B 5 25.84 -12.83 -6.15
N ILE B 6 25.96 -13.18 -7.42
CA ILE B 6 25.89 -12.22 -8.52
C ILE B 6 24.78 -12.65 -9.49
N GLY B 7 23.94 -11.71 -9.88
CA GLY B 7 22.91 -11.92 -10.92
C GLY B 7 23.44 -11.40 -12.23
N LEU B 8 23.25 -12.18 -13.30
CA LEU B 8 23.68 -11.80 -14.66
C LEU B 8 22.49 -11.36 -15.52
N ILE B 9 22.49 -10.07 -15.90
CA ILE B 9 21.36 -9.38 -16.51
C ILE B 9 21.78 -8.71 -17.85
N GLY B 10 20.94 -8.83 -18.87
CA GLY B 10 21.21 -8.20 -20.15
C GLY B 10 20.07 -8.42 -21.10
N ASN B 11 20.14 -7.79 -22.27
CA ASN B 11 19.18 -8.05 -23.34
C ASN B 11 19.38 -9.46 -23.93
N PRO B 12 18.34 -9.97 -24.65
CA PRO B 12 18.55 -11.18 -25.43
C PRO B 12 19.69 -10.98 -26.42
N ASN B 13 20.43 -12.04 -26.71
CA ASN B 13 21.52 -12.00 -27.70
C ASN B 13 22.53 -10.87 -27.44
N SER B 14 22.88 -10.66 -26.18
CA SER B 14 23.92 -9.69 -25.81
C SER B 14 25.21 -10.39 -25.44
N GLY B 15 25.14 -11.70 -25.26
CA GLY B 15 26.29 -12.52 -24.89
C GLY B 15 26.30 -13.07 -23.47
N LYS B 16 25.13 -13.07 -22.78
CA LYS B 16 25.04 -13.59 -21.40
C LYS B 16 25.46 -15.05 -21.23
N THR B 17 25.04 -15.90 -22.16
CA THR B 17 25.36 -17.32 -22.06
C THR B 17 26.84 -17.54 -22.21
N THR B 18 27.43 -16.89 -23.21
CA THR B 18 28.87 -17.07 -23.49
C THR B 18 29.70 -16.61 -22.30
N LEU B 19 29.41 -15.44 -21.75
CA LEU B 19 30.09 -15.00 -20.54
C LEU B 19 29.85 -15.95 -19.35
N PHE B 20 28.61 -16.35 -19.16
CA PHE B 20 28.29 -17.29 -18.10
C PHE B 20 29.15 -18.57 -18.20
N ASN B 21 29.22 -19.13 -19.40
CA ASN B 21 30.02 -20.33 -19.65
C ASN B 21 31.52 -20.13 -19.46
N GLN B 22 32.05 -18.99 -19.91
CA GLN B 22 33.44 -18.60 -19.66
C GLN B 22 33.80 -18.52 -18.18
N LEU B 23 32.85 -18.04 -17.37
CA LEU B 23 33.08 -17.88 -15.94
C LEU B 23 33.01 -19.20 -15.16
N THR B 24 31.97 -19.99 -15.44
CA THR B 24 31.64 -21.13 -14.60
C THR B 24 32.14 -22.47 -15.16
N GLY B 25 32.54 -22.50 -16.44
CA GLY B 25 33.00 -23.75 -17.06
C GLY B 25 31.95 -24.83 -16.87
N SER B 26 32.38 -25.99 -16.38
CA SER B 26 31.47 -27.10 -16.10
C SER B 26 30.75 -27.01 -14.75
N ARG B 27 31.15 -26.10 -13.87
CA ARG B 27 30.55 -26.00 -12.54
C ARG B 27 29.23 -25.26 -12.60
N GLN B 28 28.27 -25.82 -13.33
CA GLN B 28 26.95 -25.20 -13.47
C GLN B 28 25.81 -26.18 -13.42
N ARG B 29 24.60 -25.66 -13.20
CA ARG B 29 23.39 -26.47 -13.18
C ARG B 29 22.22 -25.79 -13.90
N VAL B 30 21.43 -26.59 -14.59
CA VAL B 30 20.24 -26.08 -15.27
C VAL B 30 19.00 -26.60 -14.53
N GLY B 31 18.26 -25.68 -13.94
CA GLY B 31 16.96 -25.99 -13.38
C GLY B 31 15.91 -25.18 -14.11
N ASN B 32 14.84 -24.88 -13.43
CA ASN B 32 13.77 -24.01 -13.91
C ASN B 32 13.33 -23.11 -12.77
N TRP B 33 12.75 -21.96 -13.11
CA TRP B 33 12.11 -21.11 -12.12
C TRP B 33 10.80 -21.69 -11.66
N ALA B 34 10.45 -21.52 -10.37
CA ALA B 34 9.35 -22.31 -9.76
C ALA B 34 8.04 -22.44 -10.55
N GLY B 35 7.74 -23.66 -10.97
CA GLY B 35 6.49 -23.97 -11.65
C GLY B 35 6.43 -23.65 -13.13
N VAL B 36 7.47 -23.01 -13.68
CA VAL B 36 7.41 -22.52 -15.07
C VAL B 36 8.46 -23.20 -15.93
N THR B 37 8.25 -23.15 -17.24
CA THR B 37 9.18 -23.81 -18.19
C THR B 37 10.46 -22.98 -18.45
N VAL B 38 10.50 -21.74 -17.99
CA VAL B 38 11.71 -20.93 -18.13
C VAL B 38 12.90 -21.50 -17.35
N GLU B 39 14.02 -21.62 -18.06
CA GLU B 39 15.28 -22.17 -17.55
C GLU B 39 15.90 -21.26 -16.49
N ARG B 40 16.46 -21.88 -15.47
CA ARG B 40 17.21 -21.18 -14.44
C ARG B 40 18.61 -21.83 -14.32
N LYS B 41 19.60 -21.17 -14.90
CA LYS B 41 21.01 -21.59 -14.86
C LYS B 41 21.75 -20.88 -13.76
N GLU B 42 22.41 -21.67 -12.91
CA GLU B 42 23.27 -21.16 -11.88
C GLU B 42 24.64 -21.87 -11.98
N GLY B 43 25.72 -21.14 -11.73
CA GLY B 43 27.06 -21.70 -11.79
C GLY B 43 27.99 -21.15 -10.73
N GLN B 44 29.20 -21.68 -10.67
CA GLN B 44 30.15 -21.36 -9.64
C GLN B 44 31.51 -20.96 -10.21
N PHE B 45 32.12 -19.94 -9.60
CA PHE B 45 33.53 -19.66 -9.85
C PHE B 45 34.15 -18.93 -8.65
N SER B 46 35.46 -18.84 -8.65
CA SER B 46 36.17 -18.09 -7.62
C SER B 46 36.94 -16.92 -8.21
N THR B 47 37.21 -15.96 -7.34
CA THR B 47 38.08 -14.81 -7.60
C THR B 47 39.20 -14.87 -6.55
N THR B 48 40.08 -13.86 -6.52
CA THR B 48 41.09 -13.78 -5.47
C THR B 48 40.49 -13.82 -4.05
N ASP B 49 39.49 -12.98 -3.78
CA ASP B 49 38.88 -12.91 -2.47
C ASP B 49 37.55 -13.65 -2.28
N HIS B 50 36.94 -14.23 -3.32
CA HIS B 50 35.54 -14.70 -3.21
C HIS B 50 35.20 -16.03 -3.91
N GLN B 51 34.29 -16.80 -3.31
CA GLN B 51 33.60 -17.87 -4.01
C GLN B 51 32.25 -17.30 -4.45
N VAL B 52 32.05 -17.24 -5.75
CA VAL B 52 30.89 -16.58 -6.33
C VAL B 52 29.88 -17.62 -6.86
N THR B 53 28.60 -17.34 -6.60
CA THR B 53 27.52 -17.99 -7.31
C THR B 53 26.98 -17.01 -8.30
N LEU B 54 26.94 -17.46 -9.54
CA LEU B 54 26.44 -16.66 -10.63
C LEU B 54 25.10 -17.24 -11.11
N VAL B 55 24.06 -16.42 -11.04
CA VAL B 55 22.72 -16.79 -11.50
C VAL B 55 22.44 -16.02 -12.78
N ASP B 56 22.20 -16.75 -13.87
CA ASP B 56 21.86 -16.17 -15.17
C ASP B 56 20.34 -15.85 -15.18
N LEU B 57 19.98 -14.60 -15.48
CA LEU B 57 18.59 -14.19 -15.50
C LEU B 57 18.05 -14.23 -16.94
N PRO B 58 16.72 -14.37 -17.09
CA PRO B 58 16.21 -14.35 -18.48
C PRO B 58 16.53 -13.03 -19.20
N GLY B 59 16.99 -13.15 -20.44
CA GLY B 59 17.29 -11.99 -21.25
C GLY B 59 16.07 -11.10 -21.26
N THR B 60 16.31 -9.79 -21.20
CA THR B 60 15.24 -8.80 -21.32
C THR B 60 15.72 -7.38 -21.72
N TYR B 61 14.84 -6.65 -22.42
CA TYR B 61 15.13 -5.29 -22.86
C TYR B 61 14.77 -4.28 -21.81
N SER B 62 13.93 -4.72 -20.88
CA SER B 62 13.37 -3.86 -19.85
C SER B 62 12.95 -4.73 -18.67
N LEU B 63 13.15 -4.23 -17.46
CA LEU B 63 12.68 -4.91 -16.26
C LEU B 63 11.16 -4.80 -16.15
N THR B 64 10.57 -3.89 -16.94
CA THR B 64 9.18 -3.49 -16.80
C THR B 64 8.44 -3.29 -18.13
N THR B 65 7.10 -3.31 -18.07
CA THR B 65 6.23 -3.08 -19.24
C THR B 65 5.08 -2.12 -18.92
N ILE B 66 4.75 -1.24 -19.86
CA ILE B 66 3.55 -0.39 -19.71
C ILE B 66 2.29 -1.03 -20.35
N SER B 67 2.45 -2.23 -20.91
CA SER B 67 1.32 -3.09 -21.31
C SER B 67 0.69 -3.78 -20.08
N SER B 68 -0.43 -4.48 -20.31
CA SER B 68 -1.25 -4.99 -19.19
C SER B 68 -0.83 -6.42 -18.77
N GLN B 69 0.04 -7.04 -19.58
CA GLN B 69 0.65 -8.33 -19.23
C GLN B 69 2.18 -8.40 -19.40
N THR B 70 2.93 -8.48 -18.28
CA THR B 70 4.40 -8.71 -18.33
C THR B 70 4.69 -10.15 -18.72
N SER B 71 5.61 -10.31 -19.66
CA SER B 71 6.14 -11.62 -20.05
C SER B 71 6.69 -12.38 -18.83
N LEU B 72 6.80 -13.71 -18.96
CA LEU B 72 7.35 -14.52 -17.87
C LEU B 72 8.78 -14.09 -17.53
N ASP B 73 9.59 -13.91 -18.56
CA ASP B 73 11.00 -13.57 -18.41
C ASP B 73 11.24 -12.27 -17.67
N GLU B 74 10.53 -11.19 -18.05
CA GLU B 74 10.64 -9.89 -17.36
C GLU B 74 10.25 -9.97 -15.89
N GLN B 75 9.15 -10.67 -15.60
CA GLN B 75 8.70 -10.87 -14.22
C GLN B 75 9.76 -11.54 -13.41
N ILE B 76 10.37 -12.56 -14.01
CA ILE B 76 11.36 -13.32 -13.32
C ILE B 76 12.57 -12.43 -13.02
N ALA B 77 13.08 -11.73 -14.03
CA ALA B 77 14.23 -10.85 -13.88
C ALA B 77 13.96 -9.74 -12.88
N CYS B 78 12.82 -9.09 -13.01
CA CYS B 78 12.45 -7.98 -12.13
C CYS B 78 12.31 -8.44 -10.68
N HIS B 79 11.57 -9.55 -10.50
CA HIS B 79 11.37 -10.12 -9.19
C HIS B 79 12.69 -10.47 -8.53
N TYR B 80 13.64 -10.98 -9.31
CA TYR B 80 14.96 -11.29 -8.76
C TYR B 80 15.73 -10.02 -8.37
N ILE B 81 15.68 -9.01 -9.23
CA ILE B 81 16.42 -7.77 -8.99
C ILE B 81 15.92 -7.12 -7.69
N LEU B 82 14.61 -7.02 -7.50
CA LEU B 82 14.05 -6.37 -6.32
C LEU B 82 14.19 -7.20 -5.04
N SER B 83 14.49 -8.49 -5.14
CA SER B 83 14.57 -9.35 -3.96
C SER B 83 15.77 -9.03 -3.06
N GLY B 84 16.81 -8.41 -3.61
CA GLY B 84 18.06 -8.20 -2.84
C GLY B 84 18.82 -9.48 -2.52
N ASP B 85 18.63 -10.54 -3.31
CA ASP B 85 19.38 -11.81 -3.17
C ASP B 85 20.84 -11.68 -3.62
N ALA B 86 21.02 -11.01 -4.76
CA ALA B 86 22.34 -10.80 -5.32
C ALA B 86 23.01 -9.66 -4.56
N ASP B 87 24.30 -9.84 -4.24
CA ASP B 87 25.11 -8.76 -3.69
C ASP B 87 25.45 -7.72 -4.77
N LEU B 88 25.58 -8.16 -6.02
CA LEU B 88 25.74 -7.23 -7.14
C LEU B 88 25.25 -7.84 -8.42
N LEU B 89 25.13 -7.01 -9.45
CA LEU B 89 24.76 -7.44 -10.80
C LEU B 89 25.88 -7.24 -11.83
N ILE B 90 26.04 -8.19 -12.74
CA ILE B 90 26.86 -7.98 -13.93
C ILE B 90 25.84 -7.76 -15.03
N ASN B 91 25.85 -6.54 -15.58
CA ASN B 91 24.99 -6.12 -16.69
C ASN B 91 25.80 -6.26 -17.98
N VAL B 92 25.47 -7.30 -18.74
CA VAL B 92 26.11 -7.58 -20.02
C VAL B 92 25.47 -6.71 -21.09
N VAL B 93 26.30 -5.96 -21.80
CA VAL B 93 25.83 -4.99 -22.78
C VAL B 93 26.55 -5.18 -24.11
N ASP B 94 25.77 -5.24 -25.18
CA ASP B 94 26.25 -5.25 -26.58
C ASP B 94 26.80 -3.86 -26.98
N ALA B 95 28.13 -3.76 -27.06
CA ALA B 95 28.82 -2.49 -27.37
C ALA B 95 28.41 -1.94 -28.76
N SER B 96 28.13 -2.85 -29.69
CA SER B 96 27.65 -2.48 -31.02
C SER B 96 26.23 -1.85 -31.04
N ASN B 97 25.39 -2.14 -30.03
CA ASN B 97 24.03 -1.59 -29.94
C ASN B 97 23.79 -0.88 -28.62
N LEU B 98 24.64 0.08 -28.33
CA LEU B 98 24.75 0.69 -27.01
C LEU B 98 23.45 1.34 -26.54
N GLU B 99 22.91 2.23 -27.36
CA GLU B 99 21.72 3.02 -26.99
C GLU B 99 20.56 2.12 -26.58
N ARG B 100 20.26 1.14 -27.43
CA ARG B 100 19.23 0.14 -27.15
C ARG B 100 19.48 -0.63 -25.82
N ASN B 101 20.71 -1.10 -25.62
CA ASN B 101 21.06 -1.88 -24.44
C ASN B 101 20.98 -1.09 -23.14
N LEU B 102 21.27 0.22 -23.22
CA LEU B 102 21.36 1.04 -22.03
C LEU B 102 20.04 1.36 -21.34
N TYR B 103 18.90 1.07 -21.98
CA TYR B 103 17.60 1.25 -21.29
C TYR B 103 17.52 0.35 -20.04
N LEU B 104 17.90 -0.92 -20.18
CA LEU B 104 17.95 -1.81 -19.05
C LEU B 104 19.02 -1.35 -18.03
N THR B 105 20.19 -0.92 -18.50
CA THR B 105 21.25 -0.47 -17.60
C THR B 105 20.77 0.69 -16.72
N LEU B 106 20.09 1.67 -17.33
CA LEU B 106 19.54 2.81 -16.65
C LEU B 106 18.59 2.43 -15.51
N GLN B 107 17.74 1.45 -15.77
CA GLN B 107 16.83 0.89 -14.74
C GLN B 107 17.58 0.36 -13.51
N LEU B 108 18.64 -0.40 -13.75
CA LEU B 108 19.43 -0.95 -12.67
C LEU B 108 20.06 0.16 -11.85
N LEU B 109 20.58 1.18 -12.51
CA LEU B 109 21.27 2.29 -11.86
C LEU B 109 20.31 3.25 -11.12
N GLU B 110 19.13 3.51 -11.69
CA GLU B 110 18.09 4.25 -10.97
C GLU B 110 17.57 3.51 -9.74
N LEU B 111 17.51 2.18 -9.81
CA LEU B 111 17.22 1.36 -8.62
C LEU B 111 18.33 1.44 -7.58
N GLY B 112 19.55 1.64 -8.03
CA GLY B 112 20.70 1.79 -7.14
C GLY B 112 21.40 0.50 -6.77
N ILE B 113 21.04 -0.59 -7.43
CA ILE B 113 21.75 -1.86 -7.22
C ILE B 113 23.18 -1.79 -7.72
N PRO B 114 24.14 -2.23 -6.87
CA PRO B 114 25.54 -2.32 -7.28
C PRO B 114 25.72 -3.15 -8.55
N CYS B 115 26.40 -2.55 -9.53
CA CYS B 115 26.42 -3.05 -10.89
CA CYS B 115 26.45 -3.08 -10.89
C CYS B 115 27.85 -2.99 -11.44
N ILE B 116 28.19 -3.94 -12.30
CA ILE B 116 29.36 -3.86 -13.16
C ILE B 116 28.82 -4.06 -14.59
N VAL B 117 29.06 -3.11 -15.47
CA VAL B 117 28.73 -3.29 -16.87
C VAL B 117 29.85 -4.09 -17.52
N ALA B 118 29.50 -5.28 -18.04
CA ALA B 118 30.37 -6.06 -18.89
C ALA B 118 30.03 -5.70 -20.34
N LEU B 119 30.92 -4.90 -20.94
CA LEU B 119 30.75 -4.36 -22.28
C LEU B 119 31.26 -5.38 -23.25
N ASN B 120 30.33 -6.14 -23.81
CA ASN B 120 30.60 -7.26 -24.69
C ASN B 120 30.59 -6.84 -26.16
N MET B 121 30.96 -7.79 -27.02
CA MET B 121 30.91 -7.65 -28.46
C MET B 121 31.73 -6.48 -28.98
N LEU B 122 32.88 -6.25 -28.36
CA LEU B 122 33.77 -5.15 -28.73
C LEU B 122 34.41 -5.33 -30.11
N ASP B 123 34.54 -6.59 -30.52
CA ASP B 123 35.06 -6.89 -31.84
C ASP B 123 34.07 -6.42 -32.91
N ILE B 124 32.79 -6.77 -32.75
CA ILE B 124 31.71 -6.31 -33.65
C ILE B 124 31.70 -4.78 -33.74
N ALA B 125 31.69 -4.13 -32.58
CA ALA B 125 31.80 -2.68 -32.51
C ALA B 125 33.01 -2.10 -33.28
N GLU B 126 34.15 -2.80 -33.20
CA GLU B 126 35.39 -2.40 -33.90
C GLU B 126 35.18 -2.49 -35.40
N LYS B 127 34.74 -3.66 -35.87
CA LYS B 127 34.29 -3.86 -37.27
C LYS B 127 33.37 -2.74 -37.82
N GLN B 128 32.52 -2.16 -36.96
CA GLN B 128 31.62 -1.07 -37.35
C GLN B 128 32.21 0.33 -37.09
N ASN B 129 33.50 0.39 -36.80
CA ASN B 129 34.17 1.65 -36.50
C ASN B 129 33.47 2.41 -35.37
N ILE B 130 32.85 1.67 -34.44
CA ILE B 130 32.19 2.28 -33.31
C ILE B 130 33.27 2.39 -32.26
N ARG B 131 33.50 3.60 -31.78
CA ARG B 131 34.50 3.83 -30.77
C ARG B 131 33.79 4.20 -29.50
N ILE B 132 34.10 3.56 -28.38
CA ILE B 132 33.47 3.97 -27.12
C ILE B 132 34.50 4.44 -26.08
N GLU B 133 34.32 5.68 -25.60
CA GLU B 133 35.10 6.25 -24.49
C GLU B 133 34.64 5.56 -23.17
N ILE B 134 35.35 4.49 -22.80
CA ILE B 134 34.94 3.59 -21.72
C ILE B 134 34.82 4.26 -20.37
N ASP B 135 35.81 5.06 -20.00
CA ASP B 135 35.76 5.77 -18.73
C ASP B 135 34.84 6.99 -18.71
N ALA B 136 34.54 7.52 -19.90
CA ALA B 136 33.45 8.48 -20.04
C ALA B 136 32.10 7.80 -19.73
N LEU B 137 31.88 6.62 -20.30
CA LEU B 137 30.67 5.85 -19.98
C LEU B 137 30.62 5.48 -18.48
N SER B 138 31.73 4.99 -17.96
CA SER B 138 31.84 4.58 -16.58
C SER B 138 31.52 5.74 -15.63
N ALA B 139 32.03 6.93 -15.94
CA ALA B 139 31.85 8.10 -15.10
C ALA B 139 30.41 8.60 -15.15
N ARG B 140 29.80 8.50 -16.31
CA ARG B 140 28.37 8.85 -16.52
C ARG B 140 27.35 7.89 -15.95
N LEU B 141 27.65 6.60 -16.00
CA LEU B 141 26.81 5.58 -15.35
C LEU B 141 26.98 5.57 -13.85
N GLY B 142 28.19 5.89 -13.38
CA GLY B 142 28.51 5.76 -11.96
C GLY B 142 28.83 4.34 -11.52
N CYS B 143 29.22 3.50 -12.46
CA CYS B 143 29.63 2.17 -12.12
C CYS B 143 30.77 1.72 -13.07
N PRO B 144 31.46 0.62 -12.70
CA PRO B 144 32.52 0.13 -13.61
C PRO B 144 32.01 -0.41 -14.95
N VAL B 145 32.84 -0.21 -15.97
CA VAL B 145 32.58 -0.66 -17.32
C VAL B 145 33.82 -1.46 -17.76
N ILE B 146 33.66 -2.78 -17.79
CA ILE B 146 34.75 -3.71 -18.17
C ILE B 146 34.53 -4.20 -19.61
N PRO B 147 35.43 -3.81 -20.54
CA PRO B 147 35.40 -4.37 -21.92
C PRO B 147 35.60 -5.89 -22.02
N LEU B 148 34.85 -6.55 -22.90
CA LEU B 148 35.00 -7.99 -23.15
C LEU B 148 34.80 -8.33 -24.63
N VAL B 149 35.48 -9.38 -25.05
CA VAL B 149 34.99 -10.21 -26.18
C VAL B 149 34.80 -11.59 -25.56
N SER B 150 33.59 -11.87 -25.04
CA SER B 150 33.32 -13.09 -24.25
C SER B 150 33.49 -14.42 -25.02
N THR B 151 33.37 -14.36 -26.35
CA THR B 151 33.66 -15.51 -27.22
C THR B 151 35.12 -15.96 -27.01
N ARG B 152 36.05 -15.01 -26.97
CA ARG B 152 37.49 -15.30 -26.77
C ARG B 152 38.04 -15.19 -25.32
N GLY B 153 37.16 -14.92 -24.34
CA GLY B 153 37.59 -14.71 -22.94
C GLY B 153 38.42 -13.45 -22.69
N ARG B 154 38.49 -12.57 -23.68
CA ARG B 154 39.17 -11.27 -23.56
C ARG B 154 38.48 -10.42 -22.51
N GLY B 155 39.17 -10.13 -21.39
CA GLY B 155 38.61 -9.28 -20.36
C GLY B 155 37.92 -9.95 -19.19
N ILE B 156 38.01 -11.26 -19.08
CA ILE B 156 37.46 -11.97 -17.92
C ILE B 156 38.24 -11.63 -16.63
N GLU B 157 39.55 -11.46 -16.76
CA GLU B 157 40.42 -11.17 -15.65
C GLU B 157 40.17 -9.77 -15.04
N ALA B 158 39.89 -8.80 -15.89
CA ALA B 158 39.52 -7.46 -15.47
C ALA B 158 38.18 -7.49 -14.75
N LEU B 159 37.26 -8.34 -15.19
CA LEU B 159 35.92 -8.44 -14.59
C LEU B 159 36.00 -8.95 -13.15
N LYS B 160 36.83 -9.96 -12.93
CA LYS B 160 36.98 -10.58 -11.62
C LYS B 160 37.72 -9.66 -10.65
N LEU B 161 38.67 -8.89 -11.20
CA LEU B 161 39.30 -7.80 -10.46
C LEU B 161 38.27 -6.76 -10.07
N ALA B 162 37.33 -6.48 -10.97
CA ALA B 162 36.24 -5.55 -10.67
C ALA B 162 35.32 -6.14 -9.62
N ILE B 163 35.03 -7.45 -9.68
CA ILE B 163 34.18 -8.08 -8.67
C ILE B 163 34.79 -7.92 -7.26
N ASP B 164 36.08 -8.19 -7.14
CA ASP B 164 36.75 -8.11 -5.82
C ASP B 164 36.87 -6.70 -5.28
N ARG B 165 36.66 -5.71 -6.14
CA ARG B 165 36.72 -4.29 -5.74
C ARG B 165 35.36 -3.64 -5.72
N TYR B 166 34.30 -4.42 -5.85
CA TYR B 166 32.99 -3.83 -6.07
C TYR B 166 32.59 -3.07 -4.83
N LYS B 167 31.87 -1.97 -5.05
CA LYS B 167 31.27 -1.18 -3.98
C LYS B 167 29.98 -0.55 -4.54
N ALA B 168 29.34 0.32 -3.73
CA ALA B 168 28.19 1.07 -4.15
C ALA B 168 28.48 1.86 -5.44
N ASN B 169 27.51 1.88 -6.33
CA ASN B 169 27.56 2.77 -7.48
C ASN B 169 27.77 4.21 -7.00
N GLU B 170 28.52 4.99 -7.77
CA GLU B 170 28.60 6.42 -7.54
C GLU B 170 27.26 7.03 -7.89
N ASN B 171 26.76 7.87 -7.00
CA ASN B 171 25.58 8.63 -7.30
C ASN B 171 25.90 9.71 -8.33
N VAL B 172 25.40 9.56 -9.55
CA VAL B 172 25.59 10.55 -10.57
C VAL B 172 24.20 10.96 -11.06
N GLU B 173 24.11 12.10 -11.72
CA GLU B 173 22.89 12.51 -12.33
C GLU B 173 22.58 11.68 -13.56
N LEU B 174 21.39 11.13 -13.64
CA LEU B 174 21.00 10.37 -14.81
C LEU B 174 19.81 10.98 -15.49
N VAL B 175 18.63 10.59 -15.10
CA VAL B 175 17.43 11.14 -15.66
C VAL B 175 16.96 12.39 -14.93
N HIS B 176 16.58 13.39 -15.67
CA HIS B 176 16.07 14.61 -15.09
C HIS B 176 14.56 14.66 -15.33
N TYR B 177 13.78 14.29 -14.33
CA TYR B 177 12.29 14.39 -14.46
C TYR B 177 11.75 15.77 -14.12
N ALA B 178 10.64 16.12 -14.77
CA ALA B 178 9.87 17.32 -14.46
C ALA B 178 9.45 17.27 -13.01
N GLN B 179 9.49 18.44 -12.38
CA GLN B 179 9.32 18.58 -10.95
C GLN B 179 8.03 17.97 -10.39
N PRO B 180 6.91 18.17 -11.11
CA PRO B 180 5.66 17.51 -10.66
C PRO B 180 5.72 15.98 -10.60
N LEU B 181 6.38 15.32 -11.56
CA LEU B 181 6.59 13.89 -11.54
C LEU B 181 7.41 13.46 -10.34
N LEU B 182 8.49 14.17 -10.04
CA LEU B 182 9.26 13.87 -8.83
C LEU B 182 8.45 14.01 -7.54
N ASN B 183 7.70 15.12 -7.45
CA ASN B 183 6.87 15.40 -6.27
C ASN B 183 5.85 14.29 -6.02
N GLU B 184 5.24 13.78 -7.07
CA GLU B 184 4.24 12.72 -6.96
C GLU B 184 4.85 11.34 -6.69
N ALA B 185 5.97 11.02 -7.35
CA ALA B 185 6.76 9.84 -6.99
C ALA B 185 7.16 9.89 -5.52
N ASP B 186 7.48 11.08 -5.02
CA ASP B 186 7.86 11.26 -3.60
C ASP B 186 6.69 11.05 -2.64
N SER B 187 5.54 11.60 -2.97
CA SER B 187 4.35 11.38 -2.17
C SER B 187 4.03 9.87 -2.15
N LEU B 188 4.02 9.22 -3.31
CA LEU B 188 3.87 7.75 -3.35
C LEU B 188 5.00 7.03 -2.60
N ALA B 189 6.24 7.48 -2.71
CA ALA B 189 7.35 6.83 -2.02
C ALA B 189 7.23 6.89 -0.50
N LYS B 190 6.72 8.01 0.03
CA LYS B 190 6.59 8.21 1.48
C LYS B 190 5.71 7.15 2.13
N VAL B 191 4.67 6.77 1.41
CA VAL B 191 3.64 5.85 1.88
C VAL B 191 4.10 4.39 1.78
N MET B 192 5.26 4.14 1.16
CA MET B 192 5.70 2.77 0.81
C MET B 192 6.33 2.00 1.99
N PRO B 193 6.41 0.65 1.87
CA PRO B 193 7.08 -0.15 2.92
C PRO B 193 8.54 0.27 3.23
N SER B 194 8.82 0.39 4.53
CA SER B 194 10.12 0.84 5.02
C SER B 194 11.27 -0.19 4.90
N ASP B 195 11.01 -1.34 4.26
CA ASP B 195 12.05 -2.33 3.96
C ASP B 195 12.58 -2.22 2.52
N ILE B 196 12.00 -1.30 1.75
CA ILE B 196 12.52 -1.00 0.43
C ILE B 196 13.39 0.24 0.58
N PRO B 197 14.55 0.28 -0.10
CA PRO B 197 15.36 1.50 -0.05
C PRO B 197 14.68 2.73 -0.72
N LEU B 198 14.99 3.92 -0.19
CA LEU B 198 14.43 5.20 -0.71
C LEU B 198 14.60 5.34 -2.23
N LYS B 199 15.80 5.00 -2.74
CA LYS B 199 16.08 4.99 -4.17
C LYS B 199 15.10 4.13 -4.96
N GLN B 200 14.80 2.94 -4.44
CA GLN B 200 13.95 1.99 -5.13
C GLN B 200 12.49 2.41 -5.04
N ARG B 201 12.14 3.08 -3.94
CA ARG B 201 10.79 3.57 -3.69
C ARG B 201 10.43 4.78 -4.54
N ARG B 202 11.41 5.64 -4.83
CA ARG B 202 11.27 6.68 -5.89
C ARG B 202 11.11 6.02 -7.24
N TRP B 203 11.98 5.06 -7.53
CA TRP B 203 11.89 4.33 -8.77
C TRP B 203 10.51 3.65 -8.93
N LEU B 204 10.04 3.00 -7.86
CA LEU B 204 8.71 2.37 -7.86
C LEU B 204 7.55 3.38 -8.07
N GLY B 205 7.61 4.52 -7.39
CA GLY B 205 6.73 5.65 -7.67
C GLY B 205 6.69 6.08 -9.12
N LEU B 206 7.86 6.29 -9.73
CA LEU B 206 7.92 6.64 -11.14
C LEU B 206 7.31 5.59 -12.06
N GLN B 207 7.65 4.32 -11.81
CA GLN B 207 7.16 3.21 -12.66
C GLN B 207 5.66 3.13 -12.61
N MET B 208 5.10 3.20 -11.40
CA MET B 208 3.65 3.30 -11.16
C MET B 208 3.00 4.45 -11.92
N LEU B 209 3.58 5.64 -11.79
CA LEU B 209 3.10 6.82 -12.53
C LEU B 209 3.13 6.66 -14.04
N GLU B 210 4.04 5.83 -14.51
CA GLU B 210 4.17 5.52 -15.93
C GLU B 210 3.18 4.44 -16.37
N GLY B 211 2.63 3.69 -15.43
CA GLY B 211 1.71 2.59 -15.75
C GLY B 211 2.20 1.18 -15.45
N ASP B 212 3.26 1.02 -14.67
CA ASP B 212 3.70 -0.33 -14.38
C ASP B 212 2.84 -0.99 -13.27
N ILE B 213 2.22 -2.13 -13.61
CA ILE B 213 1.31 -2.85 -12.70
C ILE B 213 2.10 -3.54 -11.58
N TYR B 214 3.25 -4.09 -11.96
CA TYR B 214 4.01 -4.99 -11.09
C TYR B 214 4.71 -4.28 -9.95
N SER B 215 5.02 -3.01 -10.18
CA SER B 215 5.61 -2.11 -9.19
C SER B 215 4.76 -1.92 -7.93
N ARG B 216 3.45 -2.08 -8.08
CA ARG B 216 2.50 -1.93 -6.97
C ARG B 216 2.66 -2.95 -5.84
N ALA B 217 2.99 -4.20 -6.18
CA ALA B 217 3.25 -5.26 -5.19
C ALA B 217 4.24 -4.86 -4.08
N TYR B 218 5.28 -4.13 -4.49
CA TYR B 218 6.37 -3.74 -3.59
C TYR B 218 6.14 -2.35 -3.05
N ALA B 219 5.43 -1.53 -3.83
CA ALA B 219 4.96 -0.22 -3.38
C ALA B 219 3.90 -0.41 -2.32
N GLY B 220 3.19 -1.54 -2.43
CA GLY B 220 2.23 -2.00 -1.42
C GLY B 220 1.01 -1.09 -1.33
N GLU B 221 0.93 -0.34 -0.23
CA GLU B 221 -0.15 0.63 -0.03
C GLU B 221 -0.23 1.77 -1.06
N ALA B 222 0.92 2.26 -1.55
CA ALA B 222 0.94 3.40 -2.47
C ALA B 222 0.06 3.14 -3.72
N SER B 223 -0.10 1.87 -4.06
CA SER B 223 -1.01 1.42 -5.12
C SER B 223 -2.40 2.05 -4.99
N GLN B 224 -2.89 2.19 -3.76
CA GLN B 224 -4.23 2.72 -3.50
C GLN B 224 -4.30 4.27 -3.55
N HIS B 225 -3.14 4.91 -3.62
CA HIS B 225 -3.02 6.37 -3.71
C HIS B 225 -2.68 6.87 -5.12
N LEU B 226 -2.71 5.97 -6.10
CA LEU B 226 -2.13 6.23 -7.42
C LEU B 226 -3.05 7.02 -8.33
N ASP B 227 -4.32 6.64 -8.39
CA ASP B 227 -5.26 7.35 -9.24
C ASP B 227 -5.36 8.82 -8.80
N ALA B 228 -5.28 9.06 -7.50
CA ALA B 228 -5.25 10.43 -6.97
C ALA B 228 -4.01 11.24 -7.40
N ALA B 229 -2.87 10.56 -7.51
CA ALA B 229 -1.62 11.19 -7.96
C ALA B 229 -1.69 11.51 -9.45
N LEU B 230 -2.24 10.58 -10.23
CA LEU B 230 -2.39 10.76 -11.68
C LEU B 230 -3.48 11.77 -11.99
N ALA B 231 -4.52 11.80 -11.14
CA ALA B 231 -5.56 12.79 -11.28
C ALA B 231 -5.02 14.19 -11.03
N ARG B 232 -4.10 14.35 -10.07
CA ARG B 232 -3.46 15.68 -9.83
C ARG B 232 -2.56 16.11 -10.96
N LEU B 233 -1.71 15.18 -11.40
CA LEU B 233 -0.86 15.39 -12.58
C LEU B 233 -1.58 15.81 -13.84
N ARG B 234 -2.83 15.42 -14.01
CA ARG B 234 -3.58 15.78 -15.21
C ARG B 234 -3.63 17.29 -15.39
N ASN B 235 -3.63 18.03 -14.29
CA ASN B 235 -3.73 19.48 -14.31
C ASN B 235 -2.38 20.15 -14.25
N GLU B 236 -1.31 19.40 -14.51
CA GLU B 236 0.05 19.89 -14.32
C GLU B 236 0.90 19.64 -15.54
N MET B 237 0.62 18.55 -16.25
CA MET B 237 1.27 18.31 -17.52
C MET B 237 0.33 17.56 -18.44
N ASP B 238 0.63 17.66 -19.73
CA ASP B 238 -0.20 17.07 -20.74
C ASP B 238 -0.14 15.54 -20.70
N ASP B 239 1.02 14.94 -20.42
CA ASP B 239 1.12 13.47 -20.43
C ASP B 239 2.27 12.91 -19.54
N PRO B 240 1.94 12.45 -18.32
CA PRO B 240 2.95 11.94 -17.40
C PRO B 240 3.79 10.78 -17.95
N ALA B 241 3.13 9.76 -18.50
CA ALA B 241 3.84 8.54 -18.91
C ALA B 241 4.77 8.80 -20.10
N LEU B 242 4.39 9.72 -20.98
CA LEU B 242 5.23 10.06 -22.12
C LEU B 242 6.41 10.91 -21.69
N HIS B 243 6.19 11.79 -20.72
CA HIS B 243 7.29 12.55 -20.15
C HIS B 243 8.31 11.63 -19.48
N ILE B 244 7.83 10.61 -18.78
CA ILE B 244 8.73 9.66 -18.11
C ILE B 244 9.62 8.96 -19.13
N ALA B 245 9.00 8.44 -20.19
CA ALA B 245 9.71 7.74 -21.28
C ALA B 245 10.66 8.68 -22.04
N ASP B 246 10.20 9.91 -22.31
CA ASP B 246 11.01 10.93 -23.00
C ASP B 246 12.29 11.35 -22.26
N ALA B 247 12.17 11.56 -20.96
CA ALA B 247 13.26 11.97 -20.09
C ALA B 247 14.37 10.89 -20.02
N ARG B 248 13.91 9.63 -20.04
CA ARG B 248 14.79 8.47 -20.16
C ARG B 248 15.50 8.36 -21.52
N TYR B 249 14.75 8.55 -22.60
CA TYR B 249 15.34 8.60 -23.92
C TYR B 249 16.34 9.76 -23.98
N GLN B 250 15.94 10.94 -23.49
CA GLN B 250 16.85 12.10 -23.45
C GLN B 250 18.20 11.78 -22.79
N CYS B 251 18.15 11.15 -21.63
CA CYS B 251 19.33 10.85 -20.85
C CYS B 251 20.30 9.91 -21.60
N ILE B 252 19.70 8.90 -22.22
CA ILE B 252 20.46 7.90 -22.94
C ILE B 252 21.13 8.48 -24.17
N ALA B 253 20.39 9.24 -24.97
CA ALA B 253 21.01 9.89 -26.16
C ALA B 253 22.12 10.85 -25.75
N ALA B 254 21.90 11.65 -24.70
CA ALA B 254 22.97 12.53 -24.19
C ALA B 254 24.25 11.76 -23.87
N ILE B 255 24.09 10.60 -23.24
CA ILE B 255 25.22 9.74 -22.89
C ILE B 255 25.88 9.14 -24.13
N CYS B 256 25.08 8.58 -25.01
CA CYS B 256 25.62 7.99 -26.22
C CYS B 256 26.31 9.03 -27.07
N ASP B 257 25.75 10.26 -27.13
CA ASP B 257 26.33 11.34 -27.93
C ASP B 257 27.75 11.70 -27.45
N VAL B 258 28.00 11.60 -26.15
CA VAL B 258 29.30 11.95 -25.56
C VAL B 258 30.36 10.84 -25.61
N VAL B 259 29.95 9.58 -25.43
CA VAL B 259 30.87 8.46 -25.24
C VAL B 259 31.09 7.66 -26.52
N SER B 260 30.29 7.93 -27.55
CA SER B 260 30.27 7.09 -28.74
C SER B 260 30.33 7.98 -30.00
N ASN B 261 30.60 7.39 -31.14
CA ASN B 261 30.88 8.10 -32.41
C ASN B 261 30.11 9.39 -32.68
N MET C 1 2.23 12.60 17.86
CA MET C 1 1.96 13.36 19.12
C MET C 1 0.84 12.71 19.93
N LYS C 2 1.07 12.46 21.22
CA LYS C 2 0.06 11.79 22.03
C LYS C 2 -1.25 12.58 22.09
N LYS C 3 -1.24 13.83 22.52
CA LYS C 3 -2.51 14.52 22.70
C LYS C 3 -3.09 15.05 21.41
N LEU C 4 -4.38 14.86 21.21
CA LEU C 4 -5.08 15.42 20.05
C LEU C 4 -6.29 16.16 20.52
N THR C 5 -6.61 17.23 19.81
CA THR C 5 -7.88 17.94 20.04
C THR C 5 -8.75 17.68 18.83
N ILE C 6 -9.89 17.02 19.05
CA ILE C 6 -10.80 16.70 17.97
C ILE C 6 -12.12 17.49 18.15
N GLY C 7 -12.56 18.16 17.10
CA GLY C 7 -13.90 18.79 17.11
C GLY C 7 -14.94 17.83 16.53
N LEU C 8 -16.11 17.73 17.18
CA LEU C 8 -17.20 16.89 16.70
C LEU C 8 -18.26 17.77 16.05
N ILE C 9 -18.61 17.47 14.81
CA ILE C 9 -19.43 18.34 14.00
C ILE C 9 -20.32 17.56 13.03
N GLY C 10 -21.60 17.93 13.03
CA GLY C 10 -22.58 17.39 12.14
C GLY C 10 -23.83 18.26 12.09
N ASN C 11 -24.75 17.88 11.22
CA ASN C 11 -26.09 18.45 11.15
C ASN C 11 -26.86 18.24 12.46
N PRO C 12 -27.90 19.07 12.72
CA PRO C 12 -28.78 18.71 13.82
C PRO C 12 -29.45 17.33 13.56
N ASN C 13 -29.75 16.59 14.61
CA ASN C 13 -30.28 15.23 14.45
C ASN C 13 -29.38 14.28 13.67
N SER C 14 -28.07 14.45 13.78
CA SER C 14 -27.15 13.51 13.16
C SER C 14 -26.70 12.43 14.15
N GLY C 15 -27.13 12.54 15.42
CA GLY C 15 -26.73 11.60 16.47
C GLY C 15 -25.45 12.03 17.16
N LYS C 16 -25.17 13.33 17.10
CA LYS C 16 -23.89 13.90 17.51
C LYS C 16 -23.74 13.93 19.03
N THR C 17 -24.82 14.26 19.73
CA THR C 17 -24.81 14.30 21.20
C THR C 17 -24.67 12.88 21.70
N THR C 18 -25.40 11.97 21.06
CA THR C 18 -25.30 10.58 21.36
C THR C 18 -23.86 10.07 21.18
N LEU C 19 -23.22 10.40 20.07
CA LEU C 19 -21.83 9.93 19.87
C LEU C 19 -20.88 10.52 20.89
N PHE C 20 -21.03 11.83 21.15
CA PHE C 20 -20.18 12.53 22.09
C PHE C 20 -20.26 11.91 23.49
N ASN C 21 -21.47 11.58 23.92
CA ASN C 21 -21.69 10.94 25.23
C ASN C 21 -21.14 9.53 25.29
N GLN C 22 -21.23 8.79 24.20
CA GLN C 22 -20.60 7.47 24.13
C GLN C 22 -19.09 7.52 24.16
N LEU C 23 -18.49 8.52 23.53
CA LEU C 23 -17.03 8.58 23.47
C LEU C 23 -16.41 9.03 24.79
N THR C 24 -17.08 9.90 25.49
CA THR C 24 -16.51 10.53 26.66
C THR C 24 -17.08 9.95 27.95
N GLY C 25 -18.26 9.33 27.93
CA GLY C 25 -18.85 8.84 29.17
C GLY C 25 -18.92 9.99 30.16
N SER C 26 -18.52 9.73 31.41
CA SER C 26 -18.60 10.76 32.47
C SER C 26 -17.33 11.61 32.53
N ARG C 27 -16.43 11.41 31.57
CA ARG C 27 -15.19 12.20 31.45
C ARG C 27 -15.47 13.47 30.61
N GLN C 28 -16.38 14.32 31.09
CA GLN C 28 -16.73 15.52 30.37
C GLN C 28 -17.01 16.71 31.31
N ARG C 29 -16.98 17.89 30.71
CA ARG C 29 -17.16 19.19 31.38
C ARG C 29 -18.11 20.07 30.52
N VAL C 30 -18.82 20.97 31.17
CA VAL C 30 -19.73 21.90 30.51
C VAL C 30 -19.11 23.24 30.72
N GLY C 31 -18.80 23.94 29.63
CA GLY C 31 -18.41 25.36 29.68
C GLY C 31 -19.40 26.16 28.86
N ASN C 32 -18.94 27.29 28.34
CA ASN C 32 -19.72 28.07 27.36
C ASN C 32 -18.76 28.68 26.37
N TRP C 33 -19.26 28.96 25.17
CA TRP C 33 -18.43 29.55 24.12
C TRP C 33 -18.15 30.99 24.50
N ALA C 34 -16.97 31.49 24.14
CA ALA C 34 -16.48 32.78 24.66
C ALA C 34 -17.46 33.91 24.34
N GLY C 35 -18.05 34.50 25.38
CA GLY C 35 -18.87 35.68 25.23
C GLY C 35 -20.28 35.39 24.77
N VAL C 36 -20.81 34.23 25.13
CA VAL C 36 -22.19 33.91 24.75
C VAL C 36 -22.88 32.99 25.75
N THR C 37 -24.19 32.85 25.55
CA THR C 37 -25.03 31.92 26.29
C THR C 37 -24.54 30.49 26.02
N VAL C 38 -24.10 30.27 24.78
CA VAL C 38 -24.04 28.92 24.22
C VAL C 38 -23.12 28.03 25.05
N GLU C 39 -23.67 26.86 25.38
CA GLU C 39 -22.99 25.85 26.15
C GLU C 39 -21.93 25.18 25.29
N ARG C 40 -20.71 25.05 25.83
CA ARG C 40 -19.58 24.38 25.17
C ARG C 40 -19.20 23.11 25.92
N LYS C 41 -19.59 21.94 25.43
CA LYS C 41 -19.14 20.64 26.00
C LYS C 41 -17.80 20.12 25.46
N GLU C 42 -16.91 19.73 26.38
CA GLU C 42 -15.69 19.01 26.07
C GLU C 42 -15.60 17.76 26.91
N GLY C 43 -14.92 16.76 26.37
CA GLY C 43 -14.68 15.51 27.08
C GLY C 43 -13.38 14.86 26.68
N GLN C 44 -13.07 13.74 27.32
CA GLN C 44 -11.81 13.04 27.12
C GLN C 44 -12.10 11.60 26.73
N PHE C 45 -11.20 11.05 25.93
CA PHE C 45 -11.11 9.60 25.76
C PHE C 45 -9.77 9.25 25.20
N SER C 46 -9.46 7.97 25.27
CA SER C 46 -8.20 7.44 24.84
C SER C 46 -8.41 6.49 23.72
N THR C 47 -7.40 6.44 22.89
CA THR C 47 -7.22 5.45 21.87
C THR C 47 -5.94 4.67 22.26
N THR C 48 -5.48 3.76 21.41
CA THR C 48 -4.24 3.02 21.69
C THR C 48 -3.04 3.96 21.81
N ASP C 49 -3.01 5.02 20.98
CA ASP C 49 -1.87 5.92 20.84
C ASP C 49 -2.09 7.34 21.35
N HIS C 50 -3.35 7.71 21.62
CA HIS C 50 -3.68 9.14 21.84
C HIS C 50 -4.56 9.37 23.04
N GLN C 51 -4.33 10.51 23.69
CA GLN C 51 -5.28 11.10 24.62
C GLN C 51 -6.01 12.22 23.87
N VAL C 52 -7.33 12.08 23.77
CA VAL C 52 -8.12 12.95 22.93
C VAL C 52 -8.93 13.87 23.80
N THR C 53 -8.82 15.17 23.54
CA THR C 53 -9.82 16.14 23.98
C THR C 53 -10.84 16.35 22.84
N LEU C 54 -12.07 15.95 23.10
CA LEU C 54 -13.16 16.06 22.15
C LEU C 54 -14.01 17.30 22.46
N VAL C 55 -14.10 18.22 21.49
CA VAL C 55 -14.88 19.45 21.65
C VAL C 55 -16.17 19.36 20.83
N ASP C 56 -17.32 19.42 21.49
CA ASP C 56 -18.61 19.29 20.82
C ASP C 56 -19.06 20.63 20.20
N LEU C 57 -19.15 20.69 18.88
CA LEU C 57 -19.52 21.92 18.19
C LEU C 57 -21.03 21.94 17.94
N PRO C 58 -21.63 23.16 17.82
CA PRO C 58 -23.05 23.26 17.60
C PRO C 58 -23.47 22.51 16.34
N GLY C 59 -24.68 21.96 16.39
CA GLY C 59 -25.28 21.26 15.28
C GLY C 59 -25.57 22.24 14.18
N THR C 60 -25.10 21.97 12.99
CA THR C 60 -25.27 22.89 11.86
C THR C 60 -25.19 22.16 10.51
N TYR C 61 -25.95 22.69 9.56
CA TYR C 61 -26.02 22.23 8.20
C TYR C 61 -24.91 22.82 7.34
N SER C 62 -24.36 23.92 7.82
CA SER C 62 -23.41 24.73 7.08
C SER C 62 -22.61 25.64 8.01
N LEU C 63 -21.44 26.04 7.56
CA LEU C 63 -20.57 26.92 8.33
C LEU C 63 -20.88 28.39 8.04
N THR C 64 -21.66 28.58 6.98
CA THR C 64 -21.95 29.90 6.44
C THR C 64 -23.41 29.94 5.95
N THR C 65 -23.87 31.10 5.50
CA THR C 65 -25.13 31.20 4.74
C THR C 65 -24.90 32.14 3.58
N ILE C 66 -25.42 31.79 2.41
CA ILE C 66 -25.23 32.60 1.22
C ILE C 66 -26.35 33.64 1.13
N SER C 67 -27.61 33.19 1.18
CA SER C 67 -28.74 34.01 0.71
C SER C 67 -29.52 34.66 1.86
N SER C 68 -29.03 34.45 3.08
CA SER C 68 -29.71 34.94 4.26
C SER C 68 -28.73 35.13 5.44
N GLN C 69 -29.31 35.38 6.60
CA GLN C 69 -28.59 35.74 7.84
C GLN C 69 -27.91 34.50 8.43
N THR C 70 -26.77 34.69 9.10
CA THR C 70 -25.97 33.59 9.66
C THR C 70 -26.28 33.48 11.13
N SER C 71 -26.59 32.27 11.58
CA SER C 71 -26.96 32.00 12.98
C SER C 71 -25.76 32.05 13.91
N LEU C 72 -26.06 32.05 15.21
CA LEU C 72 -25.01 32.04 16.22
C LEU C 72 -24.24 30.71 16.20
N ASP C 73 -24.98 29.61 16.04
CA ASP C 73 -24.40 28.28 15.89
C ASP C 73 -23.46 28.19 14.69
N GLU C 74 -23.84 28.75 13.55
CA GLU C 74 -22.94 28.82 12.40
C GLU C 74 -21.67 29.62 12.70
N GLN C 75 -21.85 30.78 13.33
CA GLN C 75 -20.73 31.65 13.67
C GLN C 75 -19.81 31.00 14.69
N ILE C 76 -20.38 30.33 15.69
CA ILE C 76 -19.57 29.55 16.61
C ILE C 76 -18.84 28.42 15.86
N ALA C 77 -19.57 27.65 15.07
CA ALA C 77 -18.96 26.51 14.36
C ALA C 77 -17.85 27.00 13.42
N CYS C 78 -18.15 28.05 12.65
CA CYS C 78 -17.21 28.57 11.67
C CYS C 78 -15.96 29.17 12.29
N HIS C 79 -16.13 29.98 13.33
CA HIS C 79 -15.00 30.61 14.01
C HIS C 79 -14.08 29.54 14.61
N TYR C 80 -14.65 28.50 15.22
CA TYR C 80 -13.84 27.38 15.77
C TYR C 80 -13.02 26.63 14.68
N ILE C 81 -13.66 26.28 13.58
CA ILE C 81 -13.03 25.54 12.51
C ILE C 81 -11.84 26.30 11.89
N LEU C 82 -12.04 27.60 11.64
CA LEU C 82 -10.99 28.45 11.09
C LEU C 82 -9.96 28.87 12.15
N SER C 83 -10.24 28.69 13.44
CA SER C 83 -9.20 28.97 14.46
C SER C 83 -8.00 28.04 14.33
N GLY C 84 -8.22 26.82 13.87
CA GLY C 84 -7.19 25.81 13.83
C GLY C 84 -6.90 25.12 15.16
N ASP C 85 -7.70 25.36 16.21
CA ASP C 85 -7.55 24.68 17.52
C ASP C 85 -7.48 23.13 17.40
N ALA C 86 -8.34 22.55 16.55
CA ALA C 86 -8.47 21.10 16.45
C ALA C 86 -7.43 20.55 15.56
N ASP C 87 -6.88 19.41 15.95
CA ASP C 87 -5.96 18.66 15.12
C ASP C 87 -6.75 17.95 14.01
N LEU C 88 -7.98 17.55 14.28
CA LEU C 88 -8.82 16.94 13.27
C LEU C 88 -10.27 17.01 13.68
N LEU C 89 -11.15 16.71 12.74
CA LEU C 89 -12.58 16.80 12.95
C LEU C 89 -13.17 15.46 12.72
N ILE C 90 -14.13 15.11 13.56
CA ILE C 90 -14.97 13.93 13.31
C ILE C 90 -16.27 14.52 12.83
N ASN C 91 -16.62 14.22 11.59
CA ASN C 91 -17.79 14.75 10.93
C ASN C 91 -18.84 13.69 10.97
N VAL C 92 -19.86 13.89 11.81
CA VAL C 92 -20.95 12.92 11.93
C VAL C 92 -21.98 13.14 10.83
N VAL C 93 -22.25 12.08 10.07
CA VAL C 93 -23.08 12.16 8.86
C VAL C 93 -24.27 11.18 9.02
N ASP C 94 -25.48 11.66 8.79
CA ASP C 94 -26.67 10.79 8.84
C ASP C 94 -26.76 10.09 7.49
N ALA C 95 -26.50 8.78 7.47
CA ALA C 95 -26.51 7.97 6.24
C ALA C 95 -27.84 7.99 5.48
N SER C 96 -28.95 8.35 6.16
CA SER C 96 -30.28 8.33 5.52
C SER C 96 -30.63 9.63 4.83
N ASN C 97 -29.76 10.63 4.96
CA ASN C 97 -29.97 11.92 4.35
C ASN C 97 -28.62 12.43 3.84
N LEU C 98 -27.99 11.62 3.00
CA LEU C 98 -26.60 11.78 2.70
C LEU C 98 -26.33 13.07 1.90
N GLU C 99 -27.12 13.32 0.85
CA GLU C 99 -26.96 14.51 0.01
C GLU C 99 -26.97 15.82 0.80
N ARG C 100 -27.94 15.94 1.67
CA ARG C 100 -28.07 17.10 2.52
C ARG C 100 -26.96 17.21 3.56
N ASN C 101 -26.45 16.08 4.08
CA ASN C 101 -25.40 16.10 5.14
C ASN C 101 -24.01 16.39 4.57
N LEU C 102 -23.82 16.11 3.30
CA LEU C 102 -22.54 16.29 2.61
C LEU C 102 -22.20 17.74 2.26
N TYR C 103 -23.18 18.62 2.37
CA TYR C 103 -22.97 20.02 2.15
C TYR C 103 -22.02 20.60 3.16
N LEU C 104 -22.19 20.29 4.44
CA LEU C 104 -21.17 20.61 5.45
C LEU C 104 -19.82 19.88 5.26
N THR C 105 -19.88 18.60 4.92
CA THR C 105 -18.64 17.81 4.71
C THR C 105 -17.68 18.42 3.67
N LEU C 106 -18.29 18.87 2.56
CA LEU C 106 -17.60 19.49 1.47
C LEU C 106 -16.88 20.73 1.89
N GLN C 107 -17.54 21.52 2.74
CA GLN C 107 -16.95 22.73 3.30
C GLN C 107 -15.66 22.43 4.04
N LEU C 108 -15.74 21.50 4.97
CA LEU C 108 -14.63 21.08 5.77
C LEU C 108 -13.47 20.58 4.88
N LEU C 109 -13.82 19.84 3.83
CA LEU C 109 -12.84 19.20 2.97
C LEU C 109 -12.23 20.20 2.00
N GLU C 110 -13.03 21.16 1.55
CA GLU C 110 -12.54 22.31 0.77
C GLU C 110 -11.66 23.23 1.57
N LEU C 111 -11.88 23.32 2.88
CA LEU C 111 -11.02 24.12 3.74
C LEU C 111 -9.72 23.38 4.10
N GLY C 112 -9.59 22.13 3.68
CA GLY C 112 -8.39 21.37 4.01
C GLY C 112 -8.27 20.83 5.42
N ILE C 113 -9.37 20.83 6.20
CA ILE C 113 -9.33 20.36 7.59
C ILE C 113 -9.24 18.85 7.70
N PRO C 114 -8.25 18.33 8.44
CA PRO C 114 -8.17 16.90 8.68
C PRO C 114 -9.50 16.35 9.20
N CYS C 115 -10.02 15.32 8.54
CA CYS C 115 -11.39 14.86 8.77
CA CYS C 115 -11.39 14.84 8.72
C CYS C 115 -11.51 13.34 8.78
N ILE C 116 -12.33 12.85 9.70
CA ILE C 116 -12.86 11.48 9.61
C ILE C 116 -14.39 11.60 9.60
N VAL C 117 -15.02 10.96 8.63
CA VAL C 117 -16.48 10.91 8.57
C VAL C 117 -16.98 9.73 9.36
N ALA C 118 -17.87 9.99 10.32
CA ALA C 118 -18.56 8.98 11.08
C ALA C 118 -19.95 8.87 10.49
N LEU C 119 -20.24 7.72 9.88
CA LEU C 119 -21.45 7.48 9.14
C LEU C 119 -22.45 6.84 10.11
N ASN C 120 -23.48 7.60 10.43
CA ASN C 120 -24.45 7.22 11.45
C ASN C 120 -25.81 6.90 10.85
N MET C 121 -26.75 6.51 11.71
CA MET C 121 -28.13 6.25 11.35
C MET C 121 -28.20 5.12 10.32
N LEU C 122 -27.28 4.15 10.45
CA LEU C 122 -27.12 3.10 9.43
C LEU C 122 -28.35 2.19 9.34
N ASP C 123 -28.93 1.90 10.49
CA ASP C 123 -30.17 1.15 10.54
C ASP C 123 -31.33 1.88 9.83
N ILE C 124 -31.40 3.19 9.95
CA ILE C 124 -32.47 3.95 9.31
C ILE C 124 -32.32 3.89 7.78
N ALA C 125 -31.10 4.09 7.30
CA ALA C 125 -30.81 4.00 5.88
C ALA C 125 -31.12 2.59 5.37
N GLU C 126 -30.87 1.60 6.22
CA GLU C 126 -31.07 0.19 5.86
C GLU C 126 -32.57 -0.08 5.64
N LYS C 127 -33.41 0.30 6.61
CA LYS C 127 -34.85 0.23 6.46
C LYS C 127 -35.34 0.90 5.17
N GLN C 128 -34.75 2.03 4.78
CA GLN C 128 -35.11 2.69 3.52
C GLN C 128 -34.38 2.09 2.32
N ASN C 129 -33.78 0.92 2.53
CA ASN C 129 -33.07 0.21 1.47
C ASN C 129 -32.02 1.12 0.79
N ILE C 130 -31.40 1.99 1.60
CA ILE C 130 -30.29 2.85 1.18
C ILE C 130 -29.00 2.13 1.56
N ARG C 131 -28.15 1.91 0.55
CA ARG C 131 -26.86 1.24 0.76
C ARG C 131 -25.75 2.16 0.23
N ILE C 132 -24.65 2.28 0.98
CA ILE C 132 -23.59 3.24 0.66
C ILE C 132 -22.27 2.49 0.54
N GLU C 133 -21.63 2.64 -0.60
CA GLU C 133 -20.32 2.04 -0.85
C GLU C 133 -19.25 2.90 -0.16
N ILE C 134 -18.76 2.43 1.00
CA ILE C 134 -17.89 3.21 1.90
C ILE C 134 -16.58 3.62 1.26
N ASP C 135 -15.96 2.69 0.54
CA ASP C 135 -14.68 3.00 -0.10
C ASP C 135 -14.76 4.00 -1.23
N ALA C 136 -15.84 3.91 -2.00
CA ALA C 136 -16.21 4.86 -3.03
C ALA C 136 -16.35 6.27 -2.47
N LEU C 137 -17.11 6.41 -1.38
CA LEU C 137 -17.25 7.72 -0.70
C LEU C 137 -15.92 8.20 -0.15
N SER C 138 -15.21 7.33 0.56
CA SER C 138 -13.87 7.67 1.05
C SER C 138 -12.97 8.18 -0.07
N ALA C 139 -12.95 7.47 -1.20
CA ALA C 139 -12.19 7.89 -2.40
C ALA C 139 -12.59 9.30 -2.95
N ARG C 140 -13.88 9.57 -3.07
CA ARG C 140 -14.37 10.84 -3.59
CA ARG C 140 -14.34 10.84 -3.60
C ARG C 140 -14.11 11.96 -2.58
N LEU C 141 -14.15 11.64 -1.31
CA LEU C 141 -13.92 12.67 -0.25
C LEU C 141 -12.45 12.91 0.05
N GLY C 142 -11.65 11.86 -0.12
CA GLY C 142 -10.23 11.90 0.26
C GLY C 142 -10.00 11.85 1.76
N CYS C 143 -10.94 11.31 2.50
CA CYS C 143 -10.77 11.16 3.97
C CYS C 143 -11.40 9.87 4.34
N PRO C 144 -11.06 9.33 5.53
CA PRO C 144 -11.64 8.04 5.93
C PRO C 144 -13.13 8.16 6.25
N VAL C 145 -13.86 7.07 6.03
CA VAL C 145 -15.28 6.97 6.30
C VAL C 145 -15.57 5.72 7.14
N ILE C 146 -16.02 5.97 8.37
CA ILE C 146 -16.22 4.92 9.33
C ILE C 146 -17.75 4.76 9.61
N PRO C 147 -18.31 3.56 9.36
CA PRO C 147 -19.68 3.28 9.76
C PRO C 147 -19.78 3.09 11.26
N LEU C 148 -20.66 3.86 11.90
CA LEU C 148 -20.91 3.71 13.32
C LEU C 148 -21.92 2.61 13.54
N VAL C 149 -21.46 1.38 13.36
CA VAL C 149 -22.25 0.21 13.73
C VAL C 149 -22.60 0.28 15.25
N SER C 150 -23.91 0.30 15.53
CA SER C 150 -24.47 0.46 16.89
C SER C 150 -24.24 -0.74 17.85
N THR C 151 -24.40 -1.95 17.33
CA THR C 151 -24.22 -3.19 18.12
C THR C 151 -22.89 -3.23 18.86
N ARG C 152 -22.98 -3.15 20.19
CA ARG C 152 -21.85 -3.26 21.13
C ARG C 152 -20.71 -2.24 20.89
N GLY C 153 -21.09 -0.99 20.62
CA GLY C 153 -20.12 0.07 20.31
C GLY C 153 -18.98 -0.31 19.37
N ARG C 154 -19.30 -1.11 18.35
CA ARG C 154 -18.29 -1.55 17.37
C ARG C 154 -17.84 -0.42 16.45
N GLY C 155 -18.78 0.43 16.05
CA GLY C 155 -18.46 1.60 15.26
C GLY C 155 -17.52 2.56 15.99
N ILE C 156 -17.74 2.71 17.31
CA ILE C 156 -16.87 3.51 18.16
C ILE C 156 -15.44 2.99 18.20
N GLU C 157 -15.29 1.66 18.26
CA GLU C 157 -13.99 1.04 18.25
C GLU C 157 -13.28 1.21 16.91
N ALA C 158 -13.99 1.04 15.81
CA ALA C 158 -13.42 1.29 14.48
C ALA C 158 -13.05 2.78 14.33
N LEU C 159 -13.79 3.66 15.00
CA LEU C 159 -13.52 5.09 14.93
C LEU C 159 -12.23 5.44 15.66
N LYS C 160 -12.01 4.85 16.83
CA LYS C 160 -10.76 5.00 17.59
C LYS C 160 -9.54 4.49 16.83
N LEU C 161 -9.68 3.34 16.18
CA LEU C 161 -8.63 2.84 15.28
C LEU C 161 -8.37 3.82 14.14
N ALA C 162 -9.41 4.49 13.65
CA ALA C 162 -9.23 5.42 12.53
C ALA C 162 -8.46 6.65 12.98
N ILE C 163 -8.73 7.14 14.18
CA ILE C 163 -8.00 8.25 14.76
C ILE C 163 -6.51 7.93 14.91
N ASP C 164 -6.21 6.69 15.29
CA ASP C 164 -4.82 6.24 15.49
C ASP C 164 -4.10 6.09 14.17
N ARG C 165 -4.85 5.81 13.12
CA ARG C 165 -4.30 5.70 11.79
C ARG C 165 -4.34 6.98 10.99
N TYR C 166 -5.00 8.02 11.50
CA TYR C 166 -5.17 9.22 10.72
C TYR C 166 -3.84 9.87 10.35
N LYS C 167 -3.73 10.27 9.08
CA LYS C 167 -2.53 10.93 8.55
C LYS C 167 -2.86 12.35 8.10
N ALA C 168 -3.54 12.50 6.95
CA ALA C 168 -3.92 13.79 6.40
C ALA C 168 -4.92 13.47 5.28
N ASN C 169 -5.76 14.42 4.91
CA ASN C 169 -6.74 14.22 3.83
C ASN C 169 -6.00 13.98 2.51
N GLU C 170 -6.57 13.14 1.64
CA GLU C 170 -6.04 12.99 0.28
C GLU C 170 -6.36 14.26 -0.50
N ASN C 171 -5.34 14.81 -1.15
CA ASN C 171 -5.46 16.05 -1.91
C ASN C 171 -6.10 15.74 -3.26
N VAL C 172 -7.43 15.54 -3.24
CA VAL C 172 -8.25 15.23 -4.40
C VAL C 172 -9.06 16.47 -4.82
N GLU C 173 -9.38 16.58 -6.09
CA GLU C 173 -10.28 17.67 -6.56
C GLU C 173 -11.69 17.24 -6.16
N LEU C 174 -12.39 18.12 -5.45
CA LEU C 174 -13.75 17.86 -5.03
C LEU C 174 -14.71 18.50 -6.02
N VAL C 175 -14.74 19.82 -6.07
CA VAL C 175 -15.65 20.53 -6.93
C VAL C 175 -14.90 20.98 -8.19
N HIS C 176 -15.53 20.85 -9.35
CA HIS C 176 -14.93 21.30 -10.61
C HIS C 176 -15.45 22.66 -11.03
N TYR C 177 -14.75 23.71 -10.61
CA TYR C 177 -15.13 25.07 -10.96
C TYR C 177 -14.56 25.43 -12.31
N ALA C 178 -15.28 26.30 -13.01
CA ALA C 178 -14.81 26.96 -14.19
C ALA C 178 -13.54 27.73 -13.84
N GLN C 179 -12.56 27.71 -14.73
CA GLN C 179 -11.23 28.30 -14.50
C GLN C 179 -11.18 29.77 -14.12
N PRO C 180 -11.99 30.64 -14.79
CA PRO C 180 -12.08 32.03 -14.37
C PRO C 180 -12.47 32.20 -12.89
N LEU C 181 -13.41 31.38 -12.43
CA LEU C 181 -13.78 31.38 -11.03
C LEU C 181 -12.58 31.14 -10.15
N LEU C 182 -11.77 30.14 -10.49
CA LEU C 182 -10.57 29.80 -9.71
C LEU C 182 -9.54 30.92 -9.71
N ASN C 183 -9.24 31.43 -10.91
CA ASN C 183 -8.29 32.55 -11.08
C ASN C 183 -8.63 33.71 -10.19
N GLU C 184 -9.90 34.10 -10.24
CA GLU C 184 -10.41 35.21 -9.42
C GLU C 184 -10.47 34.93 -7.92
N ALA C 185 -10.77 33.70 -7.50
CA ALA C 185 -10.83 33.38 -6.07
C ALA C 185 -9.45 33.50 -5.48
N ASP C 186 -8.47 33.13 -6.30
CA ASP C 186 -7.06 33.20 -5.93
C ASP C 186 -6.49 34.63 -5.92
N SER C 187 -6.81 35.45 -6.92
CA SER C 187 -6.41 36.86 -6.88
C SER C 187 -7.00 37.61 -5.67
N LEU C 188 -8.20 37.23 -5.25
CA LEU C 188 -8.74 37.68 -4.00
C LEU C 188 -7.98 37.08 -2.83
N ALA C 189 -7.61 35.79 -2.94
CA ALA C 189 -6.83 35.11 -1.89
C ALA C 189 -5.51 35.84 -1.62
N LYS C 190 -4.83 36.23 -2.69
CA LYS C 190 -3.54 36.91 -2.60
C LYS C 190 -3.46 38.11 -1.65
N VAL C 191 -4.58 38.79 -1.37
CA VAL C 191 -4.54 39.99 -0.52
C VAL C 191 -5.33 39.82 0.79
N MET C 192 -5.72 38.59 1.14
CA MET C 192 -6.40 38.35 2.42
C MET C 192 -5.36 38.30 3.53
N PRO C 193 -5.79 38.50 4.80
CA PRO C 193 -4.93 38.38 5.97
C PRO C 193 -4.07 37.14 5.88
N SER C 194 -2.76 37.34 5.90
CA SER C 194 -1.76 36.28 5.65
C SER C 194 -1.71 35.16 6.71
N ASP C 195 -2.24 35.41 7.90
CA ASP C 195 -2.35 34.41 8.99
C ASP C 195 -3.42 33.33 8.77
N ILE C 196 -4.17 33.42 7.65
CA ILE C 196 -5.06 32.38 7.13
C ILE C 196 -4.33 31.55 6.06
N PRO C 197 -4.35 30.20 6.13
CA PRO C 197 -3.64 29.43 5.07
C PRO C 197 -4.25 29.50 3.64
N LEU C 198 -3.42 29.30 2.63
CA LEU C 198 -3.77 29.50 1.22
C LEU C 198 -5.07 28.82 0.81
N LYS C 199 -5.17 27.53 1.13
CA LYS C 199 -6.37 26.71 0.81
C LYS C 199 -7.69 27.32 1.28
N GLN C 200 -7.66 27.82 2.51
CA GLN C 200 -8.79 28.46 3.14
C GLN C 200 -9.05 29.85 2.57
N ARG C 201 -8.00 30.55 2.18
CA ARG C 201 -8.14 31.85 1.55
C ARG C 201 -8.80 31.72 0.18
N ARG C 202 -8.38 30.71 -0.58
CA ARG C 202 -9.03 30.35 -1.86
C ARG C 202 -10.51 30.01 -1.70
N TRP C 203 -10.86 29.35 -0.59
CA TRP C 203 -12.24 28.99 -0.26
C TRP C 203 -13.05 30.23 0.13
N LEU C 204 -12.46 31.06 0.99
CA LEU C 204 -13.04 32.36 1.31
C LEU C 204 -13.24 33.19 0.04
N GLY C 205 -12.28 33.18 -0.87
CA GLY C 205 -12.49 33.85 -2.18
C GLY C 205 -13.75 33.36 -2.89
N LEU C 206 -13.86 32.04 -3.07
CA LEU C 206 -15.09 31.41 -3.60
C LEU C 206 -16.39 31.76 -2.85
N GLN C 207 -16.33 31.82 -1.52
CA GLN C 207 -17.50 32.23 -0.70
C GLN C 207 -17.93 33.65 -1.05
N MET C 208 -16.93 34.52 -1.19
CA MET C 208 -17.18 35.90 -1.52
C MET C 208 -17.86 36.01 -2.89
N LEU C 209 -17.30 35.33 -3.89
CA LEU C 209 -17.84 35.34 -5.22
C LEU C 209 -19.30 34.83 -5.27
N GLU C 210 -19.63 33.86 -4.42
CA GLU C 210 -20.93 33.22 -4.37
C GLU C 210 -21.96 34.05 -3.57
N GLY C 211 -21.50 35.09 -2.91
CA GLY C 211 -22.43 36.03 -2.26
C GLY C 211 -22.48 35.89 -0.76
N ASP C 212 -21.48 35.21 -0.20
CA ASP C 212 -21.32 35.05 1.23
C ASP C 212 -20.84 36.38 1.77
N ILE C 213 -21.73 37.06 2.48
CA ILE C 213 -21.39 38.35 3.12
C ILE C 213 -20.62 38.17 4.40
N TYR C 214 -21.01 37.18 5.19
CA TYR C 214 -20.35 36.95 6.48
C TYR C 214 -18.89 36.54 6.33
N SER C 215 -18.54 35.97 5.19
CA SER C 215 -17.14 35.62 4.87
C SER C 215 -16.24 36.81 4.52
N ARG C 216 -16.83 37.98 4.34
CA ARG C 216 -16.06 39.18 4.03
C ARG C 216 -15.32 39.66 5.29
N ALA C 217 -15.94 39.41 6.44
CA ALA C 217 -15.38 39.70 7.75
C ALA C 217 -14.04 39.00 8.01
N TYR C 218 -13.91 37.76 7.54
CA TYR C 218 -12.63 37.03 7.57
C TYR C 218 -11.62 37.43 6.47
N ALA C 219 -12.06 38.15 5.45
CA ALA C 219 -11.27 38.35 4.23
C ALA C 219 -10.47 39.65 4.23
N GLY C 220 -10.71 40.51 5.22
CA GLY C 220 -10.02 41.80 5.31
C GLY C 220 -10.15 42.70 4.09
N GLU C 221 -9.05 42.88 3.36
CA GLU C 221 -8.96 43.86 2.27
C GLU C 221 -9.53 43.35 0.95
N ALA C 222 -9.66 42.04 0.82
CA ALA C 222 -10.17 41.44 -0.40
C ALA C 222 -11.62 41.89 -0.68
N SER C 223 -12.35 42.32 0.35
CA SER C 223 -13.74 42.73 0.17
C SER C 223 -13.89 43.95 -0.74
N GLN C 224 -12.97 44.91 -0.64
CA GLN C 224 -12.98 46.09 -1.52
C GLN C 224 -12.64 45.75 -3.01
N HIS C 225 -12.12 44.54 -3.25
CA HIS C 225 -11.72 44.08 -4.58
C HIS C 225 -12.72 43.12 -5.20
N LEU C 226 -13.83 42.89 -4.52
CA LEU C 226 -14.82 41.91 -4.94
C LEU C 226 -15.61 42.36 -6.19
N ASP C 227 -16.06 43.62 -6.20
CA ASP C 227 -16.95 44.10 -7.26
C ASP C 227 -16.27 44.10 -8.65
N ALA C 228 -15.01 44.52 -8.68
CA ALA C 228 -14.19 44.40 -9.91
C ALA C 228 -14.01 42.94 -10.40
N ALA C 229 -13.81 41.99 -9.48
CA ALA C 229 -13.73 40.55 -9.83
C ALA C 229 -15.07 40.04 -10.35
N LEU C 230 -16.17 40.50 -9.76
CA LEU C 230 -17.51 40.11 -10.21
C LEU C 230 -17.85 40.72 -11.57
N ALA C 231 -17.44 41.95 -11.81
CA ALA C 231 -17.70 42.58 -13.11
C ALA C 231 -17.01 41.80 -14.24
N ARG C 232 -15.74 41.42 -14.04
CA ARG C 232 -15.01 40.59 -15.02
C ARG C 232 -15.73 39.29 -15.32
N LEU C 233 -16.07 38.56 -14.27
CA LEU C 233 -16.71 37.23 -14.38
C LEU C 233 -18.03 37.27 -15.12
N ARG C 234 -18.76 38.36 -14.92
CA ARG C 234 -20.03 38.57 -15.55
C ARG C 234 -19.91 38.88 -17.02
N ASN C 235 -18.75 39.39 -17.47
CA ASN C 235 -18.43 39.48 -18.90
C ASN C 235 -17.89 38.18 -19.51
N GLU C 236 -17.51 37.22 -18.66
CA GLU C 236 -16.99 35.91 -19.06
C GLU C 236 -18.04 34.76 -19.00
N MET C 237 -19.02 34.89 -18.12
CA MET C 237 -20.08 33.88 -18.00
C MET C 237 -21.30 34.55 -17.40
N ASP C 238 -22.45 33.92 -17.54
CA ASP C 238 -23.65 34.42 -16.86
C ASP C 238 -23.77 33.90 -15.43
N ASP C 239 -23.95 34.82 -14.49
CA ASP C 239 -24.20 34.51 -13.09
C ASP C 239 -23.09 33.63 -12.50
N PRO C 240 -21.87 34.21 -12.34
CA PRO C 240 -20.78 33.54 -11.65
C PRO C 240 -21.18 32.93 -10.31
N ALA C 241 -22.01 33.61 -9.53
CA ALA C 241 -22.45 33.09 -8.23
C ALA C 241 -23.21 31.77 -8.34
N LEU C 242 -24.09 31.68 -9.33
CA LEU C 242 -24.86 30.48 -9.58
C LEU C 242 -24.01 29.32 -10.11
N HIS C 243 -22.97 29.63 -10.88
CA HIS C 243 -22.00 28.64 -11.29
C HIS C 243 -21.30 28.01 -10.11
N ILE C 244 -20.96 28.81 -9.11
CA ILE C 244 -20.34 28.32 -7.88
C ILE C 244 -21.29 27.39 -7.13
N ALA C 245 -22.57 27.79 -7.01
CA ALA C 245 -23.55 26.97 -6.27
C ALA C 245 -23.82 25.68 -6.99
N ASP C 246 -23.95 25.78 -8.32
CA ASP C 246 -24.20 24.62 -9.21
C ASP C 246 -23.04 23.62 -9.28
N ALA C 247 -21.79 24.11 -9.30
CA ALA C 247 -20.62 23.23 -9.29
C ALA C 247 -20.56 22.40 -8.00
N ARG C 248 -20.90 23.04 -6.87
CA ARG C 248 -20.98 22.37 -5.58
C ARG C 248 -22.13 21.34 -5.54
N TYR C 249 -23.33 21.79 -5.92
CA TYR C 249 -24.46 20.87 -6.12
C TYR C 249 -24.10 19.66 -7.02
N GLN C 250 -23.48 19.93 -8.16
CA GLN C 250 -23.04 18.89 -9.11
C GLN C 250 -22.11 17.86 -8.45
N CYS C 251 -21.11 18.35 -7.73
CA CYS C 251 -20.16 17.50 -7.04
C CYS C 251 -20.86 16.58 -6.04
N ILE C 252 -21.75 17.14 -5.22
CA ILE C 252 -22.44 16.31 -4.20
C ILE C 252 -23.42 15.32 -4.85
N ALA C 253 -24.16 15.75 -5.89
CA ALA C 253 -25.05 14.82 -6.62
C ALA C 253 -24.28 13.69 -7.34
N ALA C 254 -23.12 14.02 -7.92
CA ALA C 254 -22.20 13.04 -8.53
C ALA C 254 -21.66 12.05 -7.54
N ILE C 255 -21.36 12.49 -6.31
CA ILE C 255 -20.97 11.56 -5.25
C ILE C 255 -22.13 10.60 -4.87
N CYS C 256 -23.31 11.13 -4.62
CA CYS C 256 -24.45 10.31 -4.25
C CYS C 256 -24.86 9.34 -5.37
N ASP C 257 -24.80 9.79 -6.62
CA ASP C 257 -25.00 8.96 -7.82
C ASP C 257 -24.07 7.75 -7.81
N VAL C 258 -22.79 7.98 -7.56
CA VAL C 258 -21.76 6.97 -7.64
C VAL C 258 -21.78 6.04 -6.41
N VAL C 259 -22.01 6.60 -5.21
CA VAL C 259 -21.78 5.86 -3.95
C VAL C 259 -23.03 5.25 -3.38
N SER C 260 -24.20 5.68 -3.86
CA SER C 260 -25.46 5.39 -3.16
C SER C 260 -26.47 4.53 -3.92
N ASN C 261 -27.09 3.64 -3.13
CA ASN C 261 -28.07 2.60 -3.53
C ASN C 261 -28.10 2.17 -5.00
PB GDP D . -12.83 -28.91 5.32
O1B GDP D . -12.87 -29.43 6.72
O2B GDP D . -12.27 -27.53 5.44
O3B GDP D . -11.85 -29.83 4.64
O3A GDP D . -14.27 -28.86 4.62
PA GDP D . -14.94 -29.76 3.41
O1A GDP D . -15.12 -31.24 3.71
O2A GDP D . -14.46 -29.50 2.01
O5' GDP D . -16.42 -29.11 3.38
C5' GDP D . -17.34 -29.21 4.46
C4' GDP D . -18.73 -29.39 3.88
O4' GDP D . -19.11 -28.19 3.21
C3' GDP D . -18.78 -30.48 2.81
O3' GDP D . -20.01 -31.17 2.84
C2' GDP D . -18.66 -29.77 1.49
O2' GDP D . -19.28 -30.51 0.44
C1' GDP D . -19.32 -28.43 1.80
N9 GDP D . -18.77 -27.28 1.02
C8 GDP D . -17.50 -27.03 0.65
N7 GDP D . -17.42 -25.85 -0.05
C5 GDP D . -18.66 -25.33 -0.13
C6 GDP D . -19.29 -24.12 -0.72
O6 GDP D . -18.63 -23.27 -1.33
N1 GDP D . -20.60 -23.94 -0.56
C2 GDP D . -21.35 -24.86 0.09
N2 GDP D . -22.66 -24.65 0.22
N3 GDP D . -20.85 -25.99 0.65
C4 GDP D . -19.54 -26.28 0.58
PB GDP E . 22.39 -14.35 -24.77
O1B GDP E . 21.10 -14.61 -25.49
O2B GDP E . 22.34 -13.02 -24.03
O3B GDP E . 22.67 -15.43 -23.75
O3A GDP E . 23.54 -14.26 -25.92
PA GDP E . 24.52 -15.49 -26.30
O1A GDP E . 23.60 -16.63 -26.71
O2A GDP E . 25.55 -15.84 -25.24
O5' GDP E . 25.31 -14.92 -27.57
C5' GDP E . 24.61 -14.54 -28.75
C4' GDP E . 25.56 -14.73 -29.92
O4' GDP E . 26.55 -13.71 -29.77
C3' GDP E . 26.29 -16.09 -29.97
O3' GDP E . 26.40 -16.61 -31.32
C2' GDP E . 27.65 -15.81 -29.36
O2' GDP E . 28.75 -16.61 -29.85
C1' GDP E . 27.83 -14.34 -29.74
N9 GDP E . 28.68 -13.61 -28.78
C8 GDP E . 28.67 -13.61 -27.42
N7 GDP E . 29.65 -12.78 -26.95
C5 GDP E . 30.28 -12.26 -28.03
C6 GDP E . 31.39 -11.33 -28.32
O6 GDP E . 32.02 -10.78 -27.41
N1 GDP E . 31.73 -11.08 -29.57
C2 GDP E . 31.09 -11.64 -30.64
N2 GDP E . 31.46 -11.34 -31.89
N3 GDP E . 30.06 -12.50 -30.47
C4 GDP E . 29.63 -12.83 -29.22
PB GDP F . -28.04 15.47 17.54
O1B GDP F . -29.14 16.50 17.41
O2B GDP F . -27.19 15.43 16.27
O3B GDP F . -27.17 15.77 18.74
O3A GDP F . -28.81 14.03 17.64
PA GDP F . -28.92 13.08 18.94
O1A GDP F . -29.61 13.79 20.08
O2A GDP F . -27.61 12.49 19.38
O5' GDP F . -29.82 11.90 18.39
C5' GDP F . -31.12 12.24 17.92
C4' GDP F . -31.96 10.99 18.04
O4' GDP F . -31.41 10.04 17.14
C3' GDP F . -31.90 10.39 19.44
O3' GDP F . -33.16 9.82 19.80
C2' GDP F . -30.88 9.28 19.32
O2' GDP F . -31.04 8.17 20.22
C1' GDP F . -31.14 8.84 17.89
N9 GDP F . -30.01 8.14 17.27
C8 GDP F . -28.69 8.38 17.44
N7 GDP F . -27.98 7.56 16.66
C5 GDP F . -28.83 6.78 15.97
C6 GDP F . -28.73 5.71 14.97
O6 GDP F . -27.60 5.33 14.57
N1 GDP F . -29.88 5.17 14.49
C2 GDP F . -31.09 5.58 14.91
N2 GDP F . -32.21 5.02 14.41
N3 GDP F . -31.26 6.58 15.83
C4 GDP F . -30.18 7.18 16.38
#